data_7C4N
#
_entry.id   7C4N
#
_cell.length_a   131.971
_cell.length_b   131.971
_cell.length_c   191.353
_cell.angle_alpha   90.000
_cell.angle_beta   90.000
_cell.angle_gamma   90.000
#
_symmetry.space_group_name_H-M   'I 4 2 2'
#
loop_
_entity.id
_entity.type
_entity.pdbx_description
1 polymer 'Ancestral L-amino acid oxidase'
2 non-polymer 'FLAVIN-ADENINE DINUCLEOTIDE'
3 non-polymer PHENYLALANINE
4 water water
#
_entity_poly.entity_id   1
_entity_poly.type   'polypeptide(L)'
_entity_poly.pdbx_seq_one_letter_code
;MGTHYKLGSDISQKSIPKEVKVAIVGAGMSGLYSAWRLQSEANVGDLAIFERSDRTGGRLDSDLIEFKDNRAGAEPGSTI
TVKEEQGGMRFLFEGMDDLMALFLKLGLEDQIVPFPMNSGGNNRLYFRGTSFSVNDAEQDDYHIWSALYNLDPSEQGVNP
KDIINVVFNRILQVNPQFDSRPEVRGPEFWQNFRLQCQWQGEPLYNWSLWDLLTDMGYSQECITMLYRVLGFNGTFLSKM
NAGVAYQLLEDFPADVEFRTFKDGFSTLPNALVDKIGKDKIHLQTSIDSIAFDKADSKYVLKYTKIDQSGQVSEGKFKAE
KVILGLPRLALEKLFIASDAFKQLPKKRRDELWDTLQSTSNQPLLKINLYYDTAWWGTGMTGRPAVSFGPNFADLPTGSV
YPFYALNDELAAALMYDERHATPNPDTQHKLDGIDAAKYARPAALTIYCDYLNINFWSALQNKGELYHHPHESELVESIP
SDIFPASEAVVQQATQFFKDIFNTHYVPQPTLTSARIWEGNVNFNVPENLQFGFGVHQWAIGANDKEVIEDLVEPLPNLF
TCGEAYSDYQGWVEGALRSTDLVLQKGFGLAPLSEVYEQDQGRSSSEAIQIAYRKISNKMIMEYIDPNFSPNTKHKVTLA
EVNSVLGVNLSYFDKPEHHHHHH
;
_entity_poly.pdbx_strand_id   A
#
loop_
_chem_comp.id
_chem_comp.type
_chem_comp.name
_chem_comp.formula
FAD non-polymer 'FLAVIN-ADENINE DINUCLEOTIDE' 'C27 H33 N9 O15 P2'
#
# COMPACT_ATOMS: atom_id res chain seq x y z
N SER A 15 29.32 10.55 8.37
CA SER A 15 30.05 11.50 7.53
C SER A 15 29.16 12.09 6.43
N ILE A 16 28.78 13.35 6.59
CA ILE A 16 27.89 14.03 5.66
C ILE A 16 28.72 14.94 4.77
N PRO A 17 28.72 14.76 3.46
CA PRO A 17 29.57 15.59 2.59
C PRO A 17 29.24 17.07 2.72
N LYS A 18 30.24 17.90 2.47
CA LYS A 18 30.04 19.35 2.56
C LYS A 18 29.16 19.85 1.42
N GLU A 19 29.17 19.16 0.29
CA GLU A 19 28.37 19.57 -0.84
C GLU A 19 28.22 18.39 -1.78
N VAL A 20 27.06 18.29 -2.41
CA VAL A 20 26.77 17.26 -3.39
C VAL A 20 26.14 17.96 -4.58
N LYS A 21 26.14 17.27 -5.73
CA LYS A 21 25.47 17.88 -6.86
C LYS A 21 23.96 17.65 -6.81
N VAL A 22 23.51 16.50 -6.28
CA VAL A 22 22.09 16.22 -6.07
C VAL A 22 21.90 15.72 -4.64
N ALA A 23 21.11 16.44 -3.85
CA ALA A 23 20.71 16.01 -2.52
C ALA A 23 19.29 15.46 -2.59
N ILE A 24 19.11 14.23 -2.12
CA ILE A 24 17.83 13.53 -2.16
C ILE A 24 17.32 13.42 -0.74
N VAL A 25 16.12 13.93 -0.49
CA VAL A 25 15.53 13.95 0.84
C VAL A 25 14.42 12.91 0.88
N GLY A 26 14.61 11.89 1.72
CA GLY A 26 13.70 10.77 1.88
C GLY A 26 14.21 9.50 1.24
N ALA A 27 14.39 8.44 2.03
CA ALA A 27 14.79 7.14 1.50
C ALA A 27 13.58 6.22 1.29
N GLY A 28 12.42 6.79 0.93
CA GLY A 28 11.32 5.99 0.45
C GLY A 28 11.56 5.60 -1.00
N MET A 29 10.53 4.99 -1.60
CA MET A 29 10.65 4.54 -2.99
C MET A 29 11.07 5.67 -3.93
N SER A 30 10.46 6.86 -3.79
CA SER A 30 10.82 7.99 -4.67
C SER A 30 12.30 8.35 -4.54
N GLY A 31 12.79 8.41 -3.31
CA GLY A 31 14.19 8.77 -3.08
C GLY A 31 15.14 7.73 -3.60
N LEU A 32 14.87 6.45 -3.28
CA LEU A 32 15.75 5.39 -3.73
C LEU A 32 15.73 5.25 -5.24
N TYR A 33 14.54 5.38 -5.83
CA TYR A 33 14.38 5.26 -7.28
C TYR A 33 15.06 6.40 -8.03
N SER A 34 14.92 7.64 -7.55
CA SER A 34 15.67 8.76 -8.11
C SER A 34 17.17 8.46 -8.14
N ALA A 35 17.72 8.06 -7.00
CA ALA A 35 19.16 7.82 -6.92
C ALA A 35 19.59 6.75 -7.90
N TRP A 36 18.86 5.63 -7.91
CA TRP A 36 19.22 4.52 -8.77
C TRP A 36 19.23 4.94 -10.24
N ARG A 37 18.19 5.63 -10.70
CA ARG A 37 18.13 6.01 -12.10
C ARG A 37 19.18 7.07 -12.44
N LEU A 38 19.48 7.97 -11.50
CA LEU A 38 20.49 8.99 -11.75
C LEU A 38 21.88 8.38 -11.86
N GLN A 39 22.22 7.47 -10.94
CA GLN A 39 23.50 6.77 -11.03
C GLN A 39 23.60 5.97 -12.33
N SER A 40 22.55 5.20 -12.64
CA SER A 40 22.61 4.19 -13.69
C SER A 40 22.48 4.80 -15.07
N GLU A 41 21.72 5.88 -15.22
CA GLU A 41 21.37 6.39 -16.53
C GLU A 41 21.81 7.81 -16.79
N ALA A 42 22.06 8.61 -15.76
CA ALA A 42 22.49 9.99 -15.98
C ALA A 42 23.92 10.24 -15.52
N ASN A 43 24.68 9.18 -15.19
CA ASN A 43 26.09 9.29 -14.81
C ASN A 43 26.30 10.29 -13.68
N VAL A 44 25.35 10.37 -12.76
CA VAL A 44 25.46 11.22 -11.58
C VAL A 44 25.93 10.35 -10.43
N GLY A 45 27.18 10.54 -10.02
CA GLY A 45 27.73 9.77 -8.92
C GLY A 45 27.73 10.57 -7.63
N ASP A 46 27.77 11.89 -7.75
CA ASP A 46 27.85 12.76 -6.57
C ASP A 46 26.45 13.16 -6.10
N LEU A 47 25.77 12.19 -5.51
CA LEU A 47 24.49 12.41 -4.86
C LEU A 47 24.50 11.69 -3.52
N ALA A 48 23.53 12.07 -2.67
CA ALA A 48 23.38 11.44 -1.37
C ALA A 48 21.92 11.50 -0.97
N ILE A 49 21.50 10.51 -0.19
CA ILE A 49 20.12 10.45 0.30
C ILE A 49 20.13 10.70 1.80
N PHE A 50 19.14 11.46 2.25
CA PHE A 50 19.04 11.86 3.67
C PHE A 50 17.67 11.44 4.20
N GLU A 51 17.67 10.52 5.15
CA GLU A 51 16.46 9.86 5.65
C GLU A 51 16.32 10.11 7.14
N ARG A 52 15.17 10.64 7.57
CA ARG A 52 14.98 11.02 8.96
C ARG A 52 14.86 9.82 9.89
N SER A 53 14.40 8.68 9.38
CA SER A 53 14.19 7.53 10.24
C SER A 53 15.44 6.66 10.23
N ASP A 54 15.41 5.57 11.02
CA ASP A 54 16.49 4.60 11.07
C ASP A 54 16.32 3.48 10.04
N ARG A 55 15.62 3.72 8.94
CA ARG A 55 15.44 2.64 7.97
C ARG A 55 15.09 3.23 6.62
N THR A 56 15.36 2.45 5.59
CA THR A 56 14.96 2.77 4.22
C THR A 56 13.59 2.15 3.92
N GLY A 57 12.94 2.65 2.86
CA GLY A 57 11.75 2.03 2.31
C GLY A 57 10.46 2.80 2.54
N GLY A 58 10.41 3.59 3.62
CA GLY A 58 9.22 4.40 3.87
C GLY A 58 7.99 3.53 4.04
N ARG A 59 6.95 3.80 3.24
CA ARG A 59 5.67 3.12 3.45
C ARG A 59 5.65 1.69 2.92
N LEU A 60 6.77 1.19 2.38
CA LEU A 60 7.01 -0.24 2.20
C LEU A 60 7.79 -0.72 3.40
N ASP A 61 7.28 -1.73 4.09
CA ASP A 61 7.92 -2.15 5.33
C ASP A 61 7.50 -3.61 5.62
N SER A 62 8.28 -4.56 5.07
CA SER A 62 8.04 -5.98 5.32
C SER A 62 8.76 -6.46 6.58
N ASP A 63 8.22 -7.54 7.16
CA ASP A 63 8.86 -8.20 8.29
C ASP A 63 9.05 -9.67 7.96
N LEU A 64 10.25 -10.18 8.24
CA LEU A 64 10.53 -11.61 8.15
C LEU A 64 10.80 -12.10 9.57
N ILE A 65 9.85 -12.85 10.12
CA ILE A 65 9.96 -13.38 11.49
C ILE A 65 10.36 -14.85 11.42
N GLU A 66 11.41 -15.20 12.13
CA GLU A 66 11.88 -16.57 12.23
C GLU A 66 11.36 -17.14 13.54
N PHE A 67 10.31 -17.95 13.44
CA PHE A 67 9.71 -18.59 14.61
C PHE A 67 10.53 -19.82 14.98
N LYS A 68 10.74 -20.00 16.26
CA LYS A 68 11.17 -21.31 16.75
C LYS A 68 10.17 -22.37 16.29
N ASP A 69 10.67 -23.39 15.60
CA ASP A 69 9.80 -24.48 15.15
C ASP A 69 9.60 -25.44 16.30
N ASN A 70 8.43 -25.37 16.95
CA ASN A 70 8.15 -26.26 18.07
C ASN A 70 7.09 -27.31 17.74
N ARG A 71 6.99 -27.69 16.46
CA ARG A 71 6.26 -28.89 16.10
C ARG A 71 6.96 -30.12 16.68
N ALA A 72 6.23 -31.24 16.73
CA ALA A 72 6.71 -32.45 17.38
C ALA A 72 8.01 -32.97 16.76
N GLY A 73 7.95 -33.43 15.51
CA GLY A 73 9.15 -33.89 14.83
C GLY A 73 9.95 -32.77 14.19
N ALA A 74 10.77 -32.09 14.99
CA ALA A 74 11.55 -30.93 14.50
C ALA A 74 13.02 -31.03 14.89
N GLY A 77 17.36 -26.93 16.42
CA GLY A 77 17.08 -25.50 16.50
C GLY A 77 16.48 -24.94 15.23
N SER A 78 15.54 -25.69 14.65
CA SER A 78 14.97 -25.35 13.35
C SER A 78 13.99 -24.18 13.44
N THR A 79 13.81 -23.51 12.29
CA THR A 79 13.14 -22.22 12.20
C THR A 79 12.10 -22.25 11.09
N ILE A 80 11.02 -21.47 11.27
CA ILE A 80 9.98 -21.28 10.26
C ILE A 80 9.78 -19.78 10.06
N THR A 81 9.80 -19.34 8.81
CA THR A 81 9.73 -17.91 8.52
C THR A 81 8.32 -17.50 8.12
N VAL A 82 7.81 -16.45 8.75
CA VAL A 82 6.54 -15.82 8.39
C VAL A 82 6.85 -14.43 7.86
N LYS A 83 6.50 -14.18 6.60
CA LYS A 83 6.52 -12.83 6.05
C LYS A 83 5.22 -12.09 6.40
N GLU A 84 5.35 -10.83 6.79
CA GLU A 84 4.20 -9.98 7.01
C GLU A 84 4.55 -8.61 6.44
N GLU A 85 3.52 -7.75 6.32
CA GLU A 85 3.70 -6.41 5.79
C GLU A 85 3.11 -5.41 6.78
N GLN A 86 3.88 -4.38 7.11
CA GLN A 86 3.32 -3.25 7.85
C GLN A 86 2.93 -2.09 6.94
N GLY A 87 3.39 -2.09 5.68
CA GLY A 87 2.95 -1.11 4.70
C GLY A 87 2.37 -1.80 3.47
N GLY A 88 2.76 -1.35 2.28
CA GLY A 88 2.23 -1.95 1.06
C GLY A 88 2.57 -3.42 0.92
N MET A 89 1.72 -4.13 0.15
CA MET A 89 1.83 -5.59 0.04
C MET A 89 1.59 -6.19 -1.35
N ARG A 90 1.04 -5.47 -2.33
CA ARG A 90 0.62 -6.17 -3.53
C ARG A 90 0.77 -5.27 -4.75
N PHE A 91 0.85 -5.90 -5.93
CA PHE A 91 0.95 -5.16 -7.18
C PHE A 91 0.29 -5.97 -8.28
N LEU A 92 0.25 -5.36 -9.48
CA LEU A 92 -0.37 -5.97 -10.66
C LEU A 92 0.59 -5.91 -11.84
N PHE A 93 0.44 -6.90 -12.73
CA PHE A 93 1.27 -7.01 -13.92
C PHE A 93 0.88 -6.00 -14.99
N GLU A 94 -0.36 -5.49 -14.97
CA GLU A 94 -0.85 -4.53 -15.95
C GLU A 94 -1.18 -3.22 -15.25
N GLY A 95 -1.03 -2.13 -15.99
CA GLY A 95 -1.28 -0.81 -15.43
C GLY A 95 -0.22 -0.31 -14.48
N MET A 96 0.88 -1.05 -14.26
CA MET A 96 2.00 -0.61 -13.43
C MET A 96 3.31 -0.77 -14.20
N ASP A 97 3.42 -0.06 -15.33
CA ASP A 97 4.49 -0.34 -16.27
C ASP A 97 5.86 0.06 -15.73
N ASP A 98 5.95 1.15 -14.96
CA ASP A 98 7.23 1.53 -14.38
C ASP A 98 7.70 0.48 -13.37
N LEU A 99 6.79 0.06 -12.49
CA LEU A 99 7.11 -0.93 -11.46
C LEU A 99 7.59 -2.24 -12.09
N MET A 100 6.86 -2.73 -13.09
CA MET A 100 7.26 -3.96 -13.76
C MET A 100 8.63 -3.80 -14.41
N ALA A 101 8.83 -2.70 -15.15
CA ALA A 101 10.14 -2.44 -15.73
C ALA A 101 11.19 -2.44 -14.64
N LEU A 102 10.85 -1.83 -13.49
CA LEU A 102 11.80 -1.77 -12.38
C LEU A 102 12.11 -3.16 -11.84
N PHE A 103 11.08 -3.98 -11.67
CA PHE A 103 11.32 -5.36 -11.23
C PHE A 103 12.26 -6.08 -12.19
N LEU A 104 12.03 -5.94 -13.48
CA LEU A 104 12.82 -6.70 -14.46
C LEU A 104 14.27 -6.25 -14.48
N LYS A 105 14.50 -4.94 -14.45
CA LYS A 105 15.87 -4.43 -14.45
C LYS A 105 16.64 -4.87 -13.20
N LEU A 106 15.95 -5.00 -12.07
CA LEU A 106 16.61 -5.45 -10.85
C LEU A 106 16.63 -6.96 -10.74
N GLY A 107 16.10 -7.66 -11.74
CA GLY A 107 16.08 -9.11 -11.73
C GLY A 107 15.29 -9.74 -10.59
N LEU A 108 14.22 -9.08 -10.14
CA LEU A 108 13.45 -9.59 -9.02
C LEU A 108 12.26 -10.47 -9.42
N GLU A 109 12.04 -10.67 -10.73
CA GLU A 109 10.85 -11.41 -11.17
C GLU A 109 10.79 -12.82 -10.60
N ASP A 110 11.92 -13.45 -10.33
CA ASP A 110 11.82 -14.84 -9.86
C ASP A 110 11.34 -14.96 -8.42
N GLN A 111 11.20 -13.86 -7.70
CA GLN A 111 10.65 -13.89 -6.34
C GLN A 111 9.16 -13.53 -6.29
N ILE A 112 8.53 -13.36 -7.45
CA ILE A 112 7.11 -12.98 -7.49
C ILE A 112 6.25 -14.21 -7.24
N VAL A 113 5.26 -14.07 -6.35
CA VAL A 113 4.35 -15.15 -6.01
C VAL A 113 2.92 -14.63 -6.02
N PRO A 114 1.91 -15.49 -5.98
CA PRO A 114 0.52 -15.01 -5.94
C PRO A 114 0.20 -14.28 -4.65
N PHE A 115 -0.74 -13.35 -4.75
CA PHE A 115 -1.38 -12.71 -3.60
C PHE A 115 -2.88 -12.94 -3.77
N PRO A 116 -3.39 -14.09 -3.34
CA PRO A 116 -4.80 -14.40 -3.62
C PRO A 116 -5.73 -13.53 -2.80
N MET A 117 -6.93 -13.31 -3.35
CA MET A 117 -7.89 -12.37 -2.78
C MET A 117 -9.21 -13.03 -2.39
N ASN A 118 -9.32 -14.35 -2.47
CA ASN A 118 -10.57 -14.97 -2.05
C ASN A 118 -10.31 -16.40 -1.59
N SER A 119 -11.30 -16.95 -0.89
CA SER A 119 -11.30 -18.36 -0.47
C SER A 119 -12.48 -19.12 -1.09
N GLY A 120 -12.73 -18.87 -2.37
CA GLY A 120 -13.80 -19.58 -3.07
C GLY A 120 -15.17 -19.36 -2.44
N GLY A 121 -15.41 -18.20 -1.84
CA GLY A 121 -16.65 -17.94 -1.14
C GLY A 121 -16.64 -18.13 0.38
N ASN A 122 -15.56 -18.66 0.97
CA ASN A 122 -15.55 -18.92 2.41
C ASN A 122 -15.06 -17.72 3.24
N ASN A 123 -14.66 -16.61 2.61
CA ASN A 123 -14.21 -15.48 3.42
C ASN A 123 -15.37 -14.94 4.24
N ARG A 124 -15.04 -14.35 5.39
CA ARG A 124 -16.04 -13.89 6.33
C ARG A 124 -16.53 -12.48 5.99
N LEU A 125 -17.77 -12.21 6.38
CA LEU A 125 -18.38 -10.90 6.38
C LEU A 125 -19.08 -10.71 7.71
N TYR A 126 -18.92 -9.53 8.32
CA TYR A 126 -19.58 -9.25 9.58
C TYR A 126 -20.20 -7.86 9.48
N PHE A 127 -21.54 -7.82 9.51
CA PHE A 127 -22.25 -6.56 9.39
C PHE A 127 -23.47 -6.57 10.29
N ARG A 128 -23.66 -5.45 10.97
CA ARG A 128 -24.76 -5.21 11.89
C ARG A 128 -24.99 -6.43 12.79
N GLY A 129 -23.91 -6.81 13.48
CA GLY A 129 -23.98 -7.86 14.48
C GLY A 129 -24.16 -9.26 13.93
N THR A 130 -23.87 -9.49 12.66
CA THR A 130 -24.19 -10.76 12.01
C THR A 130 -22.97 -11.27 11.27
N SER A 131 -22.57 -12.51 11.56
CA SER A 131 -21.40 -13.14 10.95
C SER A 131 -21.84 -14.13 9.88
N PHE A 132 -21.25 -14.01 8.69
CA PHE A 132 -21.60 -14.90 7.59
C PHE A 132 -20.45 -14.91 6.58
N SER A 133 -20.63 -15.68 5.51
CA SER A 133 -19.61 -15.86 4.49
C SER A 133 -20.04 -15.20 3.18
N VAL A 134 -19.06 -15.00 2.29
CA VAL A 134 -19.35 -14.50 0.95
C VAL A 134 -20.38 -15.39 0.26
N ASN A 135 -20.19 -16.71 0.31
CA ASN A 135 -21.17 -17.62 -0.26
C ASN A 135 -22.56 -17.38 0.33
N ASP A 136 -22.66 -17.30 1.67
CA ASP A 136 -23.95 -17.03 2.31
C ASP A 136 -24.61 -15.79 1.74
N ALA A 137 -23.84 -14.72 1.52
CA ALA A 137 -24.42 -13.44 1.13
C ALA A 137 -25.05 -13.50 -0.25
N GLU A 138 -24.58 -14.42 -1.11
CA GLU A 138 -25.16 -14.61 -2.44
C GLU A 138 -26.53 -15.25 -2.37
N GLN A 139 -26.79 -16.03 -1.33
CA GLN A 139 -27.97 -16.88 -1.30
C GLN A 139 -29.25 -16.08 -1.49
N ASP A 140 -30.21 -16.67 -2.20
CA ASP A 140 -31.56 -16.13 -2.28
C ASP A 140 -31.53 -14.69 -2.81
N ASP A 141 -30.86 -14.50 -3.94
CA ASP A 141 -30.78 -13.19 -4.59
C ASP A 141 -30.23 -12.12 -3.64
N TYR A 142 -29.13 -12.46 -2.96
CA TYR A 142 -28.45 -11.50 -2.09
C TYR A 142 -29.39 -11.03 -0.98
N HIS A 143 -30.21 -11.94 -0.46
CA HIS A 143 -31.25 -11.53 0.48
C HIS A 143 -30.67 -10.93 1.75
N ILE A 144 -29.51 -11.42 2.20
CA ILE A 144 -29.01 -11.00 3.52
C ILE A 144 -28.83 -9.48 3.57
N TRP A 145 -28.40 -8.86 2.47
CA TRP A 145 -28.20 -7.41 2.49
C TRP A 145 -29.50 -6.66 2.71
N SER A 146 -30.59 -7.14 2.11
CA SER A 146 -31.90 -6.51 2.31
C SER A 146 -32.47 -6.79 3.70
N ALA A 147 -31.96 -7.80 4.40
CA ALA A 147 -32.37 -8.05 5.77
C ALA A 147 -31.59 -7.19 6.76
N LEU A 148 -30.33 -6.86 6.44
CA LEU A 148 -29.48 -6.11 7.36
C LEU A 148 -29.61 -4.61 7.17
N TYR A 149 -29.93 -4.18 5.95
CA TYR A 149 -30.03 -2.76 5.63
C TYR A 149 -31.41 -2.50 5.08
N ASN A 150 -31.96 -1.33 5.40
CA ASN A 150 -33.31 -0.95 4.98
C ASN A 150 -33.19 -0.27 3.61
N LEU A 151 -33.10 -1.10 2.57
CA LEU A 151 -32.77 -0.62 1.23
C LEU A 151 -34.02 -0.27 0.42
N ASP A 152 -33.88 0.70 -0.49
CA ASP A 152 -34.91 0.94 -1.51
C ASP A 152 -35.10 -0.31 -2.37
N PRO A 153 -36.29 -0.50 -2.95
CA PRO A 153 -36.45 -1.65 -3.87
C PRO A 153 -35.39 -1.71 -4.98
N SER A 154 -35.07 -0.59 -5.64
CA SER A 154 -34.06 -0.63 -6.70
C SER A 154 -32.69 -1.02 -6.19
N GLU A 155 -32.49 -1.03 -4.88
CA GLU A 155 -31.21 -1.37 -4.28
C GLU A 155 -31.14 -2.81 -3.79
N GLN A 156 -32.25 -3.57 -3.92
CA GLN A 156 -32.34 -4.93 -3.37
C GLN A 156 -32.05 -5.98 -4.42
N GLY A 157 -31.60 -7.14 -3.96
CA GLY A 157 -31.39 -8.24 -4.88
C GLY A 157 -30.19 -8.11 -5.79
N VAL A 158 -29.21 -7.27 -5.41
CA VAL A 158 -27.99 -7.09 -6.20
C VAL A 158 -26.80 -7.14 -5.27
N ASN A 159 -25.69 -7.65 -5.77
CA ASN A 159 -24.44 -7.67 -5.01
C ASN A 159 -23.96 -6.25 -4.74
N PRO A 160 -23.75 -5.85 -3.49
CA PRO A 160 -23.32 -4.46 -3.19
C PRO A 160 -22.20 -3.93 -4.08
N LYS A 161 -21.11 -4.69 -4.23
CA LYS A 161 -20.02 -4.27 -5.11
C LYS A 161 -20.49 -3.97 -6.52
N ASP A 162 -21.49 -4.72 -7.02
CA ASP A 162 -22.01 -4.45 -8.36
C ASP A 162 -22.75 -3.11 -8.45
N ILE A 163 -23.20 -2.55 -7.33
CA ILE A 163 -23.76 -1.19 -7.40
C ILE A 163 -22.68 -0.19 -7.80
N ILE A 164 -21.49 -0.29 -7.18
CA ILE A 164 -20.37 0.57 -7.57
C ILE A 164 -20.06 0.41 -9.06
N ASN A 165 -20.01 -0.84 -9.54
CA ASN A 165 -19.70 -1.09 -10.96
C ASN A 165 -20.76 -0.48 -11.87
N VAL A 166 -22.04 -0.69 -11.54
CA VAL A 166 -23.12 -0.17 -12.38
C VAL A 166 -23.04 1.35 -12.43
N VAL A 167 -22.83 1.98 -11.28
CA VAL A 167 -22.77 3.44 -11.27
C VAL A 167 -21.62 3.93 -12.14
N PHE A 168 -20.48 3.22 -12.08
CA PHE A 168 -19.38 3.54 -12.97
C PHE A 168 -19.82 3.46 -14.44
N ASN A 169 -20.55 2.40 -14.80
CA ASN A 169 -21.01 2.27 -16.18
C ASN A 169 -21.92 3.44 -16.58
N ARG A 170 -22.74 3.90 -15.63
CA ARG A 170 -23.63 5.03 -15.87
C ARG A 170 -22.85 6.32 -16.11
N ILE A 171 -21.81 6.55 -15.32
CA ILE A 171 -20.98 7.74 -15.53
C ILE A 171 -20.39 7.74 -16.93
N LEU A 172 -19.85 6.61 -17.37
CA LEU A 172 -19.30 6.53 -18.73
C LEU A 172 -20.39 6.76 -19.77
N GLN A 173 -21.57 6.16 -19.58
CA GLN A 173 -22.63 6.27 -20.56
C GLN A 173 -23.01 7.72 -20.82
N VAL A 174 -23.11 8.54 -19.76
CA VAL A 174 -23.53 9.93 -19.94
C VAL A 174 -22.40 10.85 -20.33
N ASN A 175 -21.18 10.32 -20.48
CA ASN A 175 -20.03 11.09 -20.97
C ASN A 175 -19.51 10.41 -22.24
N PRO A 176 -20.29 10.44 -23.33
CA PRO A 176 -19.82 9.83 -24.58
C PRO A 176 -18.61 10.52 -25.16
N GLN A 177 -18.42 11.82 -24.89
CA GLN A 177 -17.21 12.52 -25.32
C GLN A 177 -15.96 11.85 -24.76
N PHE A 178 -16.08 11.19 -23.60
CA PHE A 178 -14.94 10.59 -22.92
C PHE A 178 -14.69 9.20 -23.49
N ASP A 179 -13.60 9.04 -24.24
CA ASP A 179 -13.31 7.77 -24.91
C ASP A 179 -12.94 6.71 -23.88
N SER A 180 -13.88 5.79 -23.69
CA SER A 180 -13.81 4.70 -22.71
C SER A 180 -13.47 3.36 -23.35
N ARG A 181 -12.48 3.34 -24.25
CA ARG A 181 -12.21 2.13 -25.04
C ARG A 181 -10.95 1.38 -24.63
N PRO A 182 -9.92 2.01 -24.07
CA PRO A 182 -8.67 1.27 -23.80
C PRO A 182 -8.88 0.14 -22.80
N GLU A 183 -8.35 -1.05 -23.16
CA GLU A 183 -8.46 -2.28 -22.37
C GLU A 183 -7.69 -2.21 -21.08
N VAL A 184 -6.53 -1.57 -21.09
CA VAL A 184 -5.74 -1.37 -19.88
C VAL A 184 -5.99 0.06 -19.43
N ARG A 185 -6.69 0.21 -18.31
CA ARG A 185 -7.09 1.53 -17.82
C ARG A 185 -6.11 1.99 -16.76
N GLY A 186 -5.09 2.72 -17.20
CA GLY A 186 -4.04 3.19 -16.31
C GLY A 186 -4.24 4.63 -15.87
N PRO A 187 -3.17 5.24 -15.37
CA PRO A 187 -3.30 6.59 -14.80
C PRO A 187 -3.92 7.61 -15.74
N GLU A 188 -3.55 7.57 -17.03
CA GLU A 188 -4.10 8.53 -17.97
C GLU A 188 -5.62 8.45 -18.01
N PHE A 189 -6.14 7.24 -18.24
CA PHE A 189 -7.58 7.05 -18.29
C PHE A 189 -8.25 7.60 -17.03
N TRP A 190 -7.69 7.27 -15.87
CA TRP A 190 -8.31 7.68 -14.61
C TRP A 190 -8.24 9.18 -14.40
N GLN A 191 -7.21 9.82 -14.93
CA GLN A 191 -7.11 11.28 -14.84
C GLN A 191 -8.14 11.95 -15.71
N ASN A 192 -8.25 11.51 -16.97
CA ASN A 192 -9.27 12.06 -17.84
C ASN A 192 -10.67 11.78 -17.30
N PHE A 193 -10.85 10.60 -16.69
CA PHE A 193 -12.15 10.27 -16.10
C PHE A 193 -12.57 11.31 -15.08
N ARG A 194 -11.72 11.60 -14.08
CA ARG A 194 -12.10 12.51 -13.02
C ARG A 194 -12.06 13.96 -13.44
N LEU A 195 -11.25 14.30 -14.45
CA LEU A 195 -11.18 15.68 -14.89
C LEU A 195 -12.18 16.02 -15.98
N GLN A 196 -12.59 15.06 -16.81
CA GLN A 196 -13.49 15.41 -17.91
C GLN A 196 -14.91 14.83 -17.80
N CYS A 197 -15.12 13.66 -17.18
CA CYS A 197 -16.49 13.20 -16.99
C CYS A 197 -17.20 14.05 -15.96
N GLN A 198 -18.49 14.29 -16.23
CA GLN A 198 -19.34 15.09 -15.38
C GLN A 198 -20.53 14.26 -14.95
N TRP A 199 -21.19 14.74 -13.91
CA TRP A 199 -22.53 14.32 -13.52
C TRP A 199 -23.33 15.57 -13.24
N GLN A 200 -24.50 15.69 -13.87
CA GLN A 200 -25.32 16.89 -13.72
C GLN A 200 -24.49 18.14 -13.99
N GLY A 201 -23.63 18.08 -15.00
CA GLY A 201 -22.91 19.25 -15.43
C GLY A 201 -21.75 19.65 -14.54
N GLU A 202 -21.44 18.89 -13.50
CA GLU A 202 -20.26 19.14 -12.70
C GLU A 202 -19.27 18.01 -12.89
N PRO A 203 -18.02 18.31 -13.23
CA PRO A 203 -17.03 17.24 -13.39
C PRO A 203 -16.79 16.53 -12.06
N LEU A 204 -16.34 15.28 -12.17
CA LEU A 204 -16.27 14.41 -11.01
C LEU A 204 -15.31 14.93 -9.96
N TYR A 205 -14.26 15.65 -10.37
CA TYR A 205 -13.34 16.09 -9.32
C TYR A 205 -13.91 17.21 -8.48
N ASN A 206 -15.06 17.77 -8.88
CA ASN A 206 -15.82 18.67 -8.03
C ASN A 206 -16.86 17.96 -7.17
N TRP A 207 -16.92 16.64 -7.23
CA TRP A 207 -17.92 15.87 -6.51
C TRP A 207 -17.29 15.12 -5.35
N SER A 208 -18.07 14.91 -4.29
CA SER A 208 -17.73 13.85 -3.37
C SER A 208 -18.56 12.62 -3.75
N LEU A 209 -17.99 11.43 -3.52
CA LEU A 209 -18.74 10.21 -3.84
C LEU A 209 -20.01 10.13 -3.00
N TRP A 210 -19.94 10.54 -1.74
CA TRP A 210 -21.10 10.57 -0.86
C TRP A 210 -22.21 11.42 -1.46
N ASP A 211 -21.89 12.65 -1.87
CA ASP A 211 -22.86 13.52 -2.50
C ASP A 211 -23.33 12.93 -3.81
N LEU A 212 -22.41 12.33 -4.56
CA LEU A 212 -22.75 11.84 -5.90
C LEU A 212 -23.84 10.77 -5.81
N LEU A 213 -23.59 9.73 -5.00
CA LEU A 213 -24.58 8.66 -4.88
C LEU A 213 -25.89 9.18 -4.32
N THR A 214 -25.82 10.09 -3.36
CA THR A 214 -27.05 10.67 -2.82
C THR A 214 -27.82 11.37 -3.92
N ASP A 215 -27.13 12.20 -4.71
CA ASP A 215 -27.79 12.89 -5.81
C ASP A 215 -28.39 11.91 -6.80
N MET A 216 -27.72 10.76 -7.00
CA MET A 216 -28.23 9.77 -7.94
C MET A 216 -29.47 9.04 -7.42
N GLY A 217 -29.88 9.27 -6.17
CA GLY A 217 -31.08 8.65 -5.62
C GLY A 217 -30.87 7.51 -4.63
N TYR A 218 -29.63 7.19 -4.27
CA TYR A 218 -29.36 6.10 -3.34
C TYR A 218 -29.75 6.47 -1.91
N SER A 219 -30.25 5.48 -1.18
CA SER A 219 -30.59 5.62 0.23
C SER A 219 -29.30 5.75 1.07
N GLN A 220 -29.41 6.45 2.19
CA GLN A 220 -28.26 6.51 3.10
C GLN A 220 -27.96 5.14 3.68
N GLU A 221 -28.98 4.30 3.86
CA GLU A 221 -28.75 2.92 4.24
C GLU A 221 -27.90 2.20 3.20
N CYS A 222 -28.24 2.37 1.92
CA CYS A 222 -27.44 1.73 0.89
C CYS A 222 -26.01 2.27 0.90
N ILE A 223 -25.84 3.59 1.02
CA ILE A 223 -24.50 4.20 1.04
C ILE A 223 -23.66 3.71 2.23
N THR A 224 -24.28 3.59 3.41
CA THR A 224 -23.59 3.01 4.55
C THR A 224 -23.18 1.57 4.26
N MET A 225 -24.09 0.77 3.69
CA MET A 225 -23.75 -0.59 3.33
C MET A 225 -22.52 -0.62 2.42
N LEU A 226 -22.50 0.24 1.40
CA LEU A 226 -21.39 0.26 0.46
C LEU A 226 -20.07 0.63 1.13
N TYR A 227 -20.07 1.70 1.96
CA TYR A 227 -18.78 2.09 2.51
C TYR A 227 -18.33 1.15 3.62
N ARG A 228 -19.24 0.37 4.21
CA ARG A 228 -18.82 -0.69 5.13
C ARG A 228 -18.37 -1.94 4.38
N VAL A 229 -19.10 -2.34 3.34
CA VAL A 229 -18.77 -3.59 2.65
C VAL A 229 -17.45 -3.48 1.90
N LEU A 230 -17.10 -2.29 1.43
CA LEU A 230 -15.93 -2.08 0.59
C LEU A 230 -14.64 -1.83 1.35
N GLY A 231 -14.66 -1.83 2.68
CA GLY A 231 -13.41 -1.68 3.41
C GLY A 231 -12.93 -0.25 3.58
N PHE A 232 -12.59 0.44 2.48
CA PHE A 232 -12.05 1.80 2.55
C PHE A 232 -13.19 2.81 2.65
N ASN A 233 -13.65 3.11 3.87
CA ASN A 233 -14.73 4.09 3.93
C ASN A 233 -14.26 5.52 3.65
N GLY A 234 -12.95 5.77 3.61
CA GLY A 234 -12.45 7.09 3.23
C GLY A 234 -12.92 7.53 1.86
N THR A 235 -13.08 6.58 0.92
CA THR A 235 -13.57 6.96 -0.41
C THR A 235 -14.92 7.66 -0.35
N PHE A 236 -15.72 7.40 0.70
CA PHE A 236 -17.02 8.02 0.89
C PHE A 236 -17.03 9.16 1.90
N LEU A 237 -16.32 8.99 3.02
CA LEU A 237 -16.49 9.87 4.16
C LEU A 237 -15.43 10.96 4.25
N SER A 238 -14.29 10.82 3.56
CA SER A 238 -13.20 11.79 3.63
C SER A 238 -13.48 12.95 2.68
N LYS A 239 -12.50 13.83 2.50
CA LYS A 239 -12.60 14.96 1.59
C LYS A 239 -12.06 14.65 0.19
N MET A 240 -11.69 13.40 -0.10
CA MET A 240 -11.23 13.05 -1.45
C MET A 240 -12.37 13.20 -2.43
N ASN A 241 -12.03 13.46 -3.69
CA ASN A 241 -13.11 13.70 -4.64
C ASN A 241 -13.60 12.39 -5.28
N ALA A 242 -14.80 12.44 -5.83
CA ALA A 242 -15.43 11.20 -6.29
C ALA A 242 -14.67 10.56 -7.45
N GLY A 243 -13.99 11.35 -8.27
CA GLY A 243 -13.28 10.78 -9.41
C GLY A 243 -12.13 9.90 -8.98
N VAL A 244 -11.31 10.39 -8.05
CA VAL A 244 -10.21 9.59 -7.55
C VAL A 244 -10.72 8.45 -6.67
N ALA A 245 -11.80 8.69 -5.90
CA ALA A 245 -12.43 7.58 -5.18
C ALA A 245 -12.67 6.41 -6.12
N TYR A 246 -13.18 6.69 -7.31
CA TYR A 246 -13.53 5.62 -8.25
C TYR A 246 -12.29 4.93 -8.79
N GLN A 247 -11.19 5.66 -8.99
CA GLN A 247 -9.94 4.99 -9.37
C GLN A 247 -9.55 3.93 -8.34
N LEU A 248 -9.75 4.21 -7.05
CA LEU A 248 -9.41 3.21 -6.05
C LEU A 248 -10.43 2.06 -6.00
N LEU A 249 -11.73 2.37 -6.11
CA LEU A 249 -12.77 1.35 -5.91
C LEU A 249 -12.82 0.36 -7.05
N GLU A 250 -12.50 0.80 -8.26
CA GLU A 250 -12.40 -0.08 -9.43
C GLU A 250 -11.01 -0.65 -9.59
N ASP A 251 -10.27 -0.80 -8.49
CA ASP A 251 -8.96 -1.42 -8.53
C ASP A 251 -8.97 -2.87 -8.07
N PHE A 252 -10.05 -3.33 -7.45
CA PHE A 252 -10.14 -4.67 -6.87
C PHE A 252 -11.29 -5.46 -7.51
N PRO A 253 -11.29 -5.63 -8.83
CA PRO A 253 -12.36 -6.40 -9.48
C PRO A 253 -12.39 -7.84 -9.00
N ALA A 254 -13.53 -8.50 -9.24
CA ALA A 254 -13.68 -9.89 -8.82
C ALA A 254 -12.52 -10.75 -9.31
N ASP A 255 -12.13 -10.60 -10.57
CA ASP A 255 -11.17 -11.47 -11.22
C ASP A 255 -9.71 -11.05 -11.01
N VAL A 256 -9.43 -10.19 -10.02
CA VAL A 256 -8.06 -9.68 -9.87
C VAL A 256 -7.10 -10.83 -9.62
N GLU A 257 -5.89 -10.73 -10.19
CA GLU A 257 -4.79 -11.59 -9.78
C GLU A 257 -3.63 -10.67 -9.35
N PHE A 258 -3.64 -10.28 -8.08
CA PHE A 258 -2.51 -9.57 -7.51
C PHE A 258 -1.36 -10.55 -7.29
N ARG A 259 -0.15 -10.00 -7.29
CA ARG A 259 1.06 -10.70 -6.93
C ARG A 259 1.78 -9.89 -5.88
N THR A 260 2.80 -10.51 -5.29
CA THR A 260 3.65 -9.87 -4.30
C THR A 260 5.02 -10.54 -4.38
N PHE A 261 5.89 -10.22 -3.45
CA PHE A 261 7.20 -10.86 -3.35
C PHE A 261 7.20 -11.85 -2.19
N LYS A 262 7.81 -13.01 -2.42
CA LYS A 262 7.92 -14.03 -1.37
C LYS A 262 8.33 -13.42 -0.04
N ASP A 263 9.38 -12.60 -0.05
CA ASP A 263 9.93 -12.02 1.18
C ASP A 263 9.37 -10.65 1.49
N GLY A 264 8.33 -10.22 0.78
CA GLY A 264 7.66 -8.98 1.07
C GLY A 264 8.09 -7.86 0.13
N PHE A 265 7.25 -6.83 0.08
CA PHE A 265 7.51 -5.68 -0.79
C PHE A 265 8.85 -5.01 -0.51
N SER A 266 9.39 -5.12 0.72
CA SER A 266 10.66 -4.45 0.99
C SER A 266 11.80 -5.02 0.16
N THR A 267 11.63 -6.22 -0.40
CA THR A 267 12.55 -6.79 -1.38
C THR A 267 12.95 -5.69 -2.37
N LEU A 268 11.97 -4.87 -2.78
CA LEU A 268 12.25 -3.85 -3.79
C LEU A 268 13.18 -2.76 -3.27
N PRO A 269 12.83 -2.02 -2.22
CA PRO A 269 13.78 -0.98 -1.74
C PRO A 269 15.11 -1.55 -1.24
N ASN A 270 15.11 -2.74 -0.63
CA ASN A 270 16.38 -3.34 -0.25
C ASN A 270 17.26 -3.59 -1.47
N ALA A 271 16.65 -4.00 -2.60
CA ALA A 271 17.42 -4.20 -3.82
C ALA A 271 17.98 -2.88 -4.34
N LEU A 272 17.19 -1.79 -4.27
CA LEU A 272 17.70 -0.49 -4.68
C LEU A 272 18.85 -0.04 -3.80
N VAL A 273 18.72 -0.22 -2.49
CA VAL A 273 19.81 0.15 -1.59
C VAL A 273 21.10 -0.53 -2.02
N ASP A 274 21.01 -1.82 -2.37
CA ASP A 274 22.19 -2.57 -2.80
C ASP A 274 22.88 -1.91 -3.98
N LYS A 275 22.11 -1.51 -5.00
CA LYS A 275 22.69 -0.89 -6.18
C LYS A 275 23.18 0.51 -5.87
N ILE A 276 22.57 1.19 -4.91
CA ILE A 276 22.95 2.57 -4.61
C ILE A 276 24.23 2.61 -3.79
N GLY A 277 24.35 1.74 -2.81
CA GLY A 277 25.42 1.81 -1.84
C GLY A 277 24.97 2.47 -0.54
N LYS A 278 25.14 1.76 0.57
CA LYS A 278 24.76 2.33 1.86
C LYS A 278 25.56 3.57 2.19
N ASP A 279 26.72 3.77 1.56
CA ASP A 279 27.58 4.91 1.83
C ASP A 279 26.95 6.23 1.40
N LYS A 280 26.04 6.22 0.44
CA LYS A 280 25.34 7.43 -0.01
C LYS A 280 24.04 7.67 0.73
N ILE A 281 23.69 6.81 1.68
CA ILE A 281 22.40 6.86 2.36
C ILE A 281 22.64 7.23 3.81
N HIS A 282 22.05 8.35 4.23
CA HIS A 282 22.27 8.92 5.56
C HIS A 282 21.01 8.77 6.41
N LEU A 283 20.96 7.70 7.21
CA LEU A 283 19.83 7.46 8.09
C LEU A 283 19.88 8.38 9.31
N GLN A 284 18.73 8.49 10.00
CA GLN A 284 18.58 9.33 11.18
C GLN A 284 19.13 10.73 10.92
N THR A 285 18.85 11.25 9.72
CA THR A 285 19.34 12.55 9.28
C THR A 285 18.15 13.26 8.64
N SER A 286 17.48 14.11 9.41
CA SER A 286 16.30 14.81 8.92
C SER A 286 16.69 16.18 8.40
N ILE A 287 16.22 16.50 7.20
CA ILE A 287 16.40 17.84 6.64
C ILE A 287 15.36 18.76 7.29
N ASP A 288 15.83 19.79 8.01
CA ASP A 288 14.95 20.65 8.78
C ASP A 288 14.53 21.88 8.00
N SER A 289 15.40 22.42 7.15
CA SER A 289 15.13 23.68 6.47
C SER A 289 16.05 23.80 5.27
N ILE A 290 15.60 24.58 4.29
CA ILE A 290 16.33 24.74 3.03
C ILE A 290 16.40 26.22 2.71
N ALA A 291 17.58 26.69 2.36
CA ALA A 291 17.80 28.06 1.91
C ALA A 291 18.60 28.04 0.61
N PHE A 292 18.57 29.16 -0.10
CA PHE A 292 19.32 29.33 -1.33
C PHE A 292 20.45 30.34 -1.09
N ASP A 293 21.67 29.94 -1.45
CA ASP A 293 22.84 30.80 -1.41
C ASP A 293 22.98 31.45 -2.79
N LYS A 294 22.54 32.71 -2.92
CA LYS A 294 22.58 33.39 -4.22
C LYS A 294 23.98 33.54 -4.80
N ALA A 295 25.01 33.59 -3.96
CA ALA A 295 26.36 33.80 -4.46
C ALA A 295 26.77 32.70 -5.41
N ASP A 296 26.90 31.46 -4.90
CA ASP A 296 27.30 30.33 -5.71
C ASP A 296 26.11 29.53 -6.27
N SER A 297 24.92 30.12 -6.27
CA SER A 297 23.72 29.52 -6.86
C SER A 297 23.54 28.06 -6.41
N LYS A 298 23.51 27.86 -5.10
CA LYS A 298 23.36 26.53 -4.53
C LYS A 298 22.41 26.58 -3.36
N TYR A 299 21.70 25.46 -3.15
CA TYR A 299 20.82 25.32 -2.00
C TYR A 299 21.65 24.96 -0.79
N VAL A 300 21.18 25.40 0.38
CA VAL A 300 21.81 25.13 1.66
C VAL A 300 20.81 24.39 2.53
N LEU A 301 21.16 23.15 2.92
CA LEU A 301 20.26 22.25 3.62
C LEU A 301 20.71 22.12 5.06
N LYS A 302 19.88 22.60 5.98
CA LYS A 302 20.13 22.41 7.40
C LYS A 302 19.50 21.10 7.85
N TYR A 303 20.25 20.33 8.62
CA TYR A 303 19.82 19.01 9.04
C TYR A 303 20.07 18.85 10.53
N THR A 304 19.50 17.78 11.07
CA THR A 304 19.79 17.26 12.40
C THR A 304 20.09 15.78 12.23
N LYS A 305 21.13 15.30 12.90
CA LYS A 305 21.49 13.90 12.83
C LYS A 305 21.68 13.30 14.21
N ILE A 306 21.30 12.03 14.34
CA ILE A 306 21.52 11.26 15.56
C ILE A 306 22.43 10.09 15.21
N ASP A 307 23.65 10.11 15.72
CA ASP A 307 24.57 8.99 15.50
C ASP A 307 24.01 7.74 16.19
N GLN A 308 24.84 6.71 16.30
CA GLN A 308 24.44 5.45 16.92
C GLN A 308 24.56 5.47 18.45
N SER A 309 24.98 6.59 19.03
CA SER A 309 25.05 6.74 20.47
C SER A 309 23.85 7.46 21.07
N GLY A 310 23.05 8.13 20.24
CA GLY A 310 22.13 9.14 20.71
C GLY A 310 22.70 10.54 20.61
N GLN A 311 23.99 10.65 20.32
CA GLN A 311 24.64 11.94 20.10
C GLN A 311 23.91 12.72 19.01
N VAL A 312 23.11 13.71 19.40
CA VAL A 312 22.48 14.58 18.42
C VAL A 312 23.54 15.52 17.83
N SER A 313 23.24 16.05 16.65
CA SER A 313 24.18 16.89 15.92
C SER A 313 23.41 17.69 14.87
N GLU A 314 23.77 18.96 14.71
CA GLU A 314 23.16 19.82 13.71
C GLU A 314 24.23 20.28 12.74
N GLY A 315 23.82 20.57 11.51
CA GLY A 315 24.78 20.95 10.50
C GLY A 315 24.10 21.49 9.26
N LYS A 316 24.90 21.64 8.22
CA LYS A 316 24.51 22.32 7.01
C LYS A 316 25.38 21.83 5.87
N PHE A 317 24.81 21.82 4.66
CA PHE A 317 25.56 21.45 3.48
C PHE A 317 24.81 21.98 2.26
N LYS A 318 25.49 21.92 1.11
CA LYS A 318 24.97 22.54 -0.09
C LYS A 318 24.70 21.50 -1.16
N ALA A 319 23.81 21.85 -2.09
CA ALA A 319 23.48 20.98 -3.20
C ALA A 319 23.12 21.82 -4.41
N GLU A 320 23.61 21.41 -5.57
CA GLU A 320 23.21 22.08 -6.81
C GLU A 320 21.72 21.89 -7.07
N LYS A 321 21.25 20.65 -6.99
CA LYS A 321 19.85 20.32 -7.19
C LYS A 321 19.32 19.54 -5.99
N VAL A 322 18.07 19.78 -5.62
CA VAL A 322 17.43 19.12 -4.48
C VAL A 322 16.21 18.36 -4.95
N ILE A 323 16.11 17.09 -4.55
CA ILE A 323 14.98 16.24 -4.87
C ILE A 323 14.26 15.90 -3.58
N LEU A 324 13.05 16.44 -3.41
CA LEU A 324 12.23 16.18 -2.22
C LEU A 324 11.29 15.03 -2.55
N GLY A 325 11.69 13.82 -2.18
CA GLY A 325 10.85 12.64 -2.38
C GLY A 325 9.94 12.46 -1.20
N LEU A 326 9.01 13.40 -1.01
CA LEU A 326 8.35 13.57 0.28
C LEU A 326 6.86 13.80 0.11
N PRO A 327 6.02 13.26 1.02
CA PRO A 327 4.57 13.46 0.94
C PRO A 327 4.15 14.83 1.46
N ARG A 328 2.82 15.03 1.50
CA ARG A 328 2.25 16.35 1.80
C ARG A 328 2.76 16.92 3.12
N LEU A 329 2.63 16.16 4.20
CA LEU A 329 2.93 16.72 5.52
C LEU A 329 4.40 17.09 5.62
N ALA A 330 5.28 16.20 5.15
CA ALA A 330 6.72 16.47 5.19
C ALA A 330 7.05 17.71 4.37
N LEU A 331 6.41 17.87 3.20
CA LEU A 331 6.66 19.06 2.38
C LEU A 331 6.18 20.32 3.08
N GLU A 332 5.03 20.26 3.76
CA GLU A 332 4.53 21.44 4.47
C GLU A 332 5.46 21.84 5.60
N LYS A 333 6.00 20.86 6.34
CA LYS A 333 6.96 21.18 7.40
C LYS A 333 8.18 21.91 6.83
N LEU A 334 8.76 21.38 5.76
CA LEU A 334 9.92 22.03 5.16
C LEU A 334 9.56 23.41 4.65
N PHE A 335 8.42 23.52 3.97
CA PHE A 335 7.97 24.80 3.40
C PHE A 335 7.88 25.88 4.47
N ILE A 336 7.33 25.54 5.64
CA ILE A 336 7.15 26.53 6.70
C ILE A 336 8.50 26.97 7.27
N ALA A 337 9.46 26.06 7.33
CA ALA A 337 10.72 26.31 8.02
C ALA A 337 11.82 26.83 7.09
N SER A 338 11.57 26.98 5.79
CA SER A 338 12.62 27.13 4.79
C SER A 338 12.65 28.53 4.20
N ASP A 339 13.81 29.19 4.34
CA ASP A 339 13.98 30.52 3.76
C ASP A 339 13.80 30.48 2.24
N ALA A 340 14.27 29.42 1.59
CA ALA A 340 14.05 29.31 0.15
C ALA A 340 12.58 29.50 -0.21
N PHE A 341 11.67 29.04 0.67
CA PHE A 341 10.25 29.24 0.46
C PHE A 341 9.74 30.55 1.04
N LYS A 342 10.21 30.92 2.23
CA LYS A 342 9.73 32.15 2.87
C LYS A 342 10.12 33.39 2.05
N GLN A 343 11.33 33.40 1.50
CA GLN A 343 11.79 34.52 0.67
C GLN A 343 10.94 34.73 -0.57
N LEU A 344 10.03 33.80 -0.90
CA LEU A 344 9.27 33.94 -2.12
C LEU A 344 8.27 35.09 -1.98
N PRO A 345 7.87 35.70 -3.10
CA PRO A 345 6.84 36.75 -3.03
C PRO A 345 5.53 36.21 -2.48
N LYS A 346 4.83 37.06 -1.71
CA LYS A 346 3.57 36.71 -1.07
C LYS A 346 2.69 35.86 -1.97
N LYS A 347 2.35 36.39 -3.15
CA LYS A 347 1.38 35.74 -4.03
C LYS A 347 1.81 34.30 -4.35
N ARG A 348 3.06 34.13 -4.75
CA ARG A 348 3.50 32.79 -5.14
C ARG A 348 3.71 31.87 -3.94
N ARG A 349 4.16 32.43 -2.81
CA ARG A 349 4.23 31.65 -1.56
C ARG A 349 2.87 31.05 -1.22
N ASP A 350 1.83 31.89 -1.21
CA ASP A 350 0.50 31.41 -0.86
C ASP A 350 -0.04 30.45 -1.91
N GLU A 351 0.25 30.70 -3.18
CA GLU A 351 -0.21 29.81 -4.22
C GLU A 351 0.42 28.42 -4.06
N LEU A 352 1.71 28.39 -3.72
CA LEU A 352 2.39 27.11 -3.53
C LEU A 352 1.85 26.39 -2.30
N TRP A 353 1.59 27.13 -1.22
CA TRP A 353 0.97 26.50 -0.06
C TRP A 353 -0.38 25.91 -0.41
N ASP A 354 -1.23 26.70 -1.08
CA ASP A 354 -2.56 26.23 -1.44
C ASP A 354 -2.48 24.99 -2.33
N THR A 355 -1.48 24.96 -3.23
CA THR A 355 -1.26 23.78 -4.06
C THR A 355 -0.94 22.55 -3.22
N LEU A 356 -0.13 22.70 -2.17
CA LEU A 356 0.15 21.55 -1.30
C LEU A 356 -1.13 21.03 -0.63
N GLN A 357 -2.15 21.87 -0.47
CA GLN A 357 -3.41 21.46 0.14
C GLN A 357 -4.29 20.63 -0.81
N SER A 358 -3.89 20.45 -2.06
CA SER A 358 -4.79 19.89 -3.06
C SER A 358 -4.90 18.36 -2.98
N THR A 359 -4.10 17.70 -2.15
CA THR A 359 -4.21 16.26 -1.98
C THR A 359 -4.58 15.97 -0.53
N SER A 360 -5.62 15.15 -0.33
CA SER A 360 -6.08 14.82 1.02
C SER A 360 -5.14 13.82 1.68
N ASN A 361 -4.97 13.97 2.99
CA ASN A 361 -4.22 13.01 3.82
C ASN A 361 -5.14 11.87 4.22
N GLN A 362 -4.78 10.64 3.85
CA GLN A 362 -5.60 9.48 4.17
C GLN A 362 -4.89 8.60 5.21
N PRO A 363 -5.33 8.60 6.47
CA PRO A 363 -4.70 7.72 7.45
C PRO A 363 -5.02 6.26 7.11
N LEU A 364 -4.05 5.38 7.40
CA LEU A 364 -4.23 3.94 7.32
C LEU A 364 -3.53 3.31 8.50
N LEU A 365 -3.89 2.06 8.81
CA LEU A 365 -3.15 1.35 9.85
C LEU A 365 -3.12 -0.13 9.53
N LYS A 366 -2.07 -0.78 10.00
CA LYS A 366 -2.01 -2.23 9.98
C LYS A 366 -1.57 -2.70 11.36
N ILE A 367 -2.33 -3.61 11.93
CA ILE A 367 -1.98 -4.29 13.17
C ILE A 367 -1.89 -5.77 12.85
N ASN A 368 -0.71 -6.34 13.08
CA ASN A 368 -0.43 -7.74 12.75
C ASN A 368 -0.37 -8.55 14.04
N LEU A 369 -1.13 -9.63 14.09
CA LEU A 369 -1.05 -10.56 15.22
C LEU A 369 -0.58 -11.89 14.67
N TYR A 370 0.57 -12.35 15.16
CA TYR A 370 1.14 -13.62 14.72
C TYR A 370 0.72 -14.71 15.70
N TYR A 371 0.51 -15.92 15.17
CA TYR A 371 0.13 -17.08 15.96
C TYR A 371 1.01 -18.27 15.59
N ASP A 372 1.26 -19.11 16.59
CA ASP A 372 2.05 -20.32 16.37
C ASP A 372 1.40 -21.27 15.35
N THR A 373 0.07 -21.28 15.29
CA THR A 373 -0.67 -21.98 14.25
C THR A 373 -1.88 -21.13 13.89
N ALA A 374 -2.47 -21.41 12.74
CA ALA A 374 -3.64 -20.68 12.29
C ALA A 374 -4.90 -21.33 12.87
N TRP A 375 -5.84 -20.50 13.33
CA TRP A 375 -7.04 -21.01 14.01
C TRP A 375 -8.33 -20.78 13.22
N TRP A 376 -8.24 -20.32 11.97
CA TRP A 376 -9.44 -20.02 11.17
C TRP A 376 -9.74 -21.10 10.15
N GLY A 377 -9.00 -22.23 10.18
CA GLY A 377 -9.32 -23.36 9.33
C GLY A 377 -10.39 -24.24 9.95
N THR A 378 -10.91 -25.16 9.12
CA THR A 378 -12.06 -25.96 9.54
C THR A 378 -11.73 -26.81 10.75
N GLY A 379 -10.49 -27.29 10.84
CA GLY A 379 -10.09 -28.05 12.01
C GLY A 379 -10.38 -27.33 13.32
N MET A 380 -10.21 -26.00 13.34
CA MET A 380 -10.37 -25.22 14.57
C MET A 380 -11.71 -24.50 14.68
N THR A 381 -12.38 -24.18 13.57
CA THR A 381 -13.68 -23.52 13.63
C THR A 381 -14.86 -24.48 13.48
N GLY A 382 -14.66 -25.62 12.84
CA GLY A 382 -15.80 -26.42 12.41
C GLY A 382 -16.63 -25.81 11.29
N ARG A 383 -16.16 -24.76 10.63
CA ARG A 383 -16.87 -24.07 9.56
C ARG A 383 -15.99 -24.04 8.33
N PRO A 384 -16.55 -23.72 7.17
CA PRO A 384 -15.74 -23.66 5.95
C PRO A 384 -14.46 -22.85 6.14
N ALA A 385 -13.33 -23.43 5.71
CA ALA A 385 -12.02 -22.84 5.98
C ALA A 385 -11.82 -21.49 5.29
N VAL A 386 -11.25 -20.55 6.03
CA VAL A 386 -10.86 -19.26 5.49
C VAL A 386 -9.40 -19.36 5.06
N SER A 387 -9.09 -18.86 3.85
CA SER A 387 -7.73 -18.98 3.31
C SER A 387 -7.10 -17.61 3.07
N PHE A 388 -7.54 -16.86 2.05
CA PHE A 388 -6.85 -15.65 1.60
C PHE A 388 -7.86 -14.56 1.24
N GLY A 389 -7.38 -13.31 1.31
CA GLY A 389 -8.19 -12.18 0.95
C GLY A 389 -8.84 -11.49 2.13
N PRO A 390 -9.54 -10.38 1.89
CA PRO A 390 -10.12 -9.61 2.99
C PRO A 390 -11.36 -10.25 3.60
N ASN A 391 -11.40 -10.25 4.94
CA ASN A 391 -12.60 -10.53 5.70
C ASN A 391 -13.11 -9.16 6.18
N PHE A 392 -14.14 -8.66 5.49
CA PHE A 392 -14.65 -7.31 5.73
C PHE A 392 -15.64 -7.31 6.88
N ALA A 393 -15.72 -6.16 7.57
CA ALA A 393 -16.68 -6.01 8.66
C ALA A 393 -17.01 -4.53 8.87
N ASP A 394 -18.20 -4.27 9.41
CA ASP A 394 -18.45 -2.91 9.88
C ASP A 394 -17.95 -2.69 11.31
N LEU A 395 -17.23 -3.67 11.87
CA LEU A 395 -16.47 -3.49 13.08
C LEU A 395 -15.25 -2.61 12.77
N PRO A 396 -14.57 -2.08 13.80
CA PRO A 396 -13.40 -1.23 13.56
C PRO A 396 -12.24 -1.95 12.89
N THR A 397 -12.24 -3.28 12.84
CA THR A 397 -11.20 -4.00 12.11
C THR A 397 -11.14 -3.57 10.65
N GLY A 398 -12.28 -3.22 10.06
CA GLY A 398 -12.31 -2.86 8.65
C GLY A 398 -12.15 -4.06 7.76
N SER A 399 -10.93 -4.50 7.58
CA SER A 399 -10.56 -5.64 6.75
C SER A 399 -9.55 -6.44 7.55
N VAL A 400 -9.64 -7.76 7.50
CA VAL A 400 -8.68 -8.70 8.11
C VAL A 400 -8.13 -9.64 7.04
N TYR A 401 -6.80 -9.64 6.88
CA TYR A 401 -6.09 -10.43 5.87
C TYR A 401 -5.23 -11.49 6.55
N PRO A 402 -5.36 -12.76 6.17
CA PRO A 402 -4.44 -13.79 6.67
C PRO A 402 -3.13 -13.86 5.89
N PHE A 403 -2.07 -14.19 6.63
CA PHE A 403 -0.74 -14.46 6.10
C PHE A 403 -0.26 -15.78 6.68
N TYR A 404 0.51 -16.54 5.89
CA TYR A 404 0.96 -17.86 6.30
C TYR A 404 2.48 -17.96 6.24
N ALA A 405 3.03 -18.91 6.98
CA ALA A 405 4.43 -19.23 6.87
C ALA A 405 4.81 -19.43 5.40
N LEU A 406 5.97 -18.89 5.02
CA LEU A 406 6.54 -19.12 3.70
C LEU A 406 6.66 -20.61 3.45
N ASN A 407 6.21 -21.05 2.28
CA ASN A 407 6.21 -22.48 1.95
C ASN A 407 6.15 -22.59 0.44
N ASP A 408 7.20 -23.17 -0.17
CA ASP A 408 7.28 -23.24 -1.63
C ASP A 408 6.12 -24.05 -2.20
N GLU A 409 5.78 -25.16 -1.56
CA GLU A 409 4.69 -25.99 -2.05
C GLU A 409 3.38 -25.23 -2.05
N LEU A 410 3.08 -24.51 -0.96
CA LEU A 410 1.87 -23.69 -0.91
C LEU A 410 1.86 -22.65 -2.04
N ALA A 411 2.99 -21.96 -2.25
CA ALA A 411 3.02 -20.96 -3.33
C ALA A 411 2.74 -21.61 -4.69
N ALA A 412 3.22 -22.84 -4.90
CA ALA A 412 2.96 -23.54 -6.16
C ALA A 412 1.49 -23.85 -6.32
N ALA A 413 0.84 -24.34 -5.27
CA ALA A 413 -0.60 -24.57 -5.33
C ALA A 413 -1.34 -23.29 -5.66
N LEU A 414 -0.93 -22.16 -5.05
CA LEU A 414 -1.55 -20.88 -5.37
C LEU A 414 -1.30 -20.49 -6.82
N MET A 415 -0.11 -20.81 -7.34
CA MET A 415 0.18 -20.55 -8.74
C MET A 415 -0.72 -21.40 -9.63
N TYR A 416 -0.89 -22.67 -9.29
CA TYR A 416 -1.83 -23.50 -10.03
C TYR A 416 -3.22 -22.89 -9.99
N ASP A 417 -3.65 -22.46 -8.79
CA ASP A 417 -4.97 -21.83 -8.63
C ASP A 417 -5.14 -20.60 -9.52
N GLU A 418 -4.07 -19.83 -9.77
CA GLU A 418 -4.20 -18.66 -10.62
C GLU A 418 -4.64 -19.02 -12.03
N ARG A 419 -4.24 -20.20 -12.50
CA ARG A 419 -4.83 -20.74 -13.72
C ARG A 419 -6.25 -21.17 -13.39
N HIS A 420 -7.11 -21.17 -14.39
CA HIS A 420 -8.45 -21.65 -14.11
C HIS A 420 -8.60 -23.05 -14.68
N ALA A 421 -7.65 -23.87 -14.24
CA ALA A 421 -7.53 -25.26 -14.64
C ALA A 421 -8.52 -26.10 -13.87
N THR A 422 -8.84 -27.26 -14.44
CA THR A 422 -9.73 -28.22 -13.78
C THR A 422 -8.88 -29.39 -13.31
N PRO A 423 -8.53 -29.46 -12.04
CA PRO A 423 -7.70 -30.58 -11.58
C PRO A 423 -8.48 -31.88 -11.64
N ASN A 424 -7.77 -32.95 -11.94
CA ASN A 424 -8.34 -34.27 -11.79
C ASN A 424 -8.31 -34.65 -10.32
N PRO A 425 -8.99 -35.72 -9.94
CA PRO A 425 -9.10 -36.04 -8.50
C PRO A 425 -7.76 -36.24 -7.82
N ASP A 426 -6.76 -36.78 -8.51
CA ASP A 426 -5.43 -36.87 -7.92
C ASP A 426 -4.88 -35.48 -7.61
N THR A 427 -5.02 -34.54 -8.54
CA THR A 427 -4.50 -33.20 -8.32
C THR A 427 -5.34 -32.44 -7.31
N GLN A 428 -6.66 -32.59 -7.35
CA GLN A 428 -7.52 -31.98 -6.35
C GLN A 428 -7.20 -32.51 -4.96
N HIS A 429 -6.95 -33.82 -4.85
CA HIS A 429 -6.63 -34.39 -3.54
C HIS A 429 -5.34 -33.80 -2.99
N LYS A 430 -4.32 -33.63 -3.83
CA LYS A 430 -3.08 -33.03 -3.35
C LYS A 430 -3.29 -31.57 -2.97
N LEU A 431 -4.00 -30.80 -3.80
CA LEU A 431 -4.32 -29.42 -3.47
C LEU A 431 -5.09 -29.33 -2.15
N ASP A 432 -6.05 -30.23 -1.93
CA ASP A 432 -6.73 -30.31 -0.64
C ASP A 432 -5.75 -30.45 0.52
N GLY A 433 -4.80 -31.37 0.37
CA GLY A 433 -3.84 -31.57 1.45
C GLY A 433 -2.98 -30.34 1.70
N ILE A 434 -2.56 -29.69 0.62
CA ILE A 434 -1.75 -28.48 0.77
C ILE A 434 -2.56 -27.35 1.43
N ASP A 435 -3.82 -27.18 1.01
CA ASP A 435 -4.65 -26.13 1.60
C ASP A 435 -4.79 -26.33 3.11
N ALA A 436 -4.99 -27.58 3.54
CA ALA A 436 -5.17 -27.88 4.96
C ALA A 436 -3.88 -27.78 5.75
N ALA A 437 -2.72 -28.03 5.12
CA ALA A 437 -1.46 -28.08 5.84
C ALA A 437 -1.00 -26.71 6.31
N LYS A 438 -1.41 -25.65 5.63
CA LYS A 438 -0.90 -24.33 6.03
C LYS A 438 -1.40 -23.95 7.43
N TYR A 439 -2.50 -24.54 7.90
CA TYR A 439 -3.05 -24.18 9.20
C TYR A 439 -2.18 -24.68 10.35
N ALA A 440 -1.34 -25.68 10.10
CA ALA A 440 -0.50 -26.27 11.13
C ALA A 440 0.84 -25.55 11.27
N ARG A 441 1.11 -24.54 10.46
CA ARG A 441 2.32 -23.74 10.58
C ARG A 441 2.00 -22.34 11.09
N PRO A 442 2.99 -21.63 11.64
CA PRO A 442 2.75 -20.27 12.08
C PRO A 442 2.08 -19.43 11.00
N ALA A 443 1.33 -18.42 11.42
CA ALA A 443 0.59 -17.58 10.49
C ALA A 443 0.28 -16.27 11.21
N ALA A 444 -0.39 -15.37 10.51
CA ALA A 444 -0.69 -14.07 11.08
C ALA A 444 -1.99 -13.57 10.46
N LEU A 445 -2.63 -12.65 11.17
CA LEU A 445 -3.72 -11.84 10.63
C LEU A 445 -3.33 -10.37 10.67
N THR A 446 -3.61 -9.68 9.58
CA THR A 446 -3.49 -8.22 9.52
C THR A 446 -4.86 -7.57 9.66
N ILE A 447 -5.02 -6.73 10.68
CA ILE A 447 -6.10 -5.75 10.72
C ILE A 447 -5.68 -4.53 9.90
N TYR A 448 -6.49 -4.21 8.88
CA TYR A 448 -6.12 -3.20 7.88
C TYR A 448 -7.33 -2.30 7.68
N CYS A 449 -7.28 -1.08 8.22
CA CYS A 449 -8.44 -0.20 8.21
C CYS A 449 -8.01 1.21 7.84
N ASP A 450 -9.00 2.04 7.53
CA ASP A 450 -8.76 3.41 7.12
C ASP A 450 -9.72 4.34 7.86
N TYR A 451 -9.72 5.59 7.39
CA TYR A 451 -10.48 6.76 7.85
C TYR A 451 -11.25 6.56 9.15
N LEU A 452 -12.54 6.24 9.03
CA LEU A 452 -13.44 6.28 10.18
C LEU A 452 -12.97 5.38 11.30
N ASN A 453 -12.26 4.29 10.97
CA ASN A 453 -11.86 3.31 11.97
C ASN A 453 -10.55 3.62 12.67
N ILE A 454 -9.77 4.59 12.19
CA ILE A 454 -8.44 4.84 12.76
C ILE A 454 -8.56 5.15 14.26
N ASN A 455 -9.37 6.14 14.60
CA ASN A 455 -9.37 6.66 15.97
C ASN A 455 -9.69 5.59 17.00
N PHE A 456 -10.46 4.55 16.61
CA PHE A 456 -10.75 3.50 17.58
C PHE A 456 -9.45 2.84 18.07
N TRP A 457 -8.53 2.57 17.15
CA TRP A 457 -7.33 1.78 17.46
C TRP A 457 -6.21 2.63 18.04
N SER A 458 -6.04 3.87 17.57
CA SER A 458 -4.93 4.71 18.04
C SER A 458 -5.07 5.03 19.51
N ALA A 459 -6.27 5.39 19.96
CA ALA A 459 -6.50 5.59 21.38
C ALA A 459 -6.24 4.30 22.17
N LEU A 460 -6.59 3.16 21.60
CA LEU A 460 -6.34 1.88 22.27
C LEU A 460 -4.85 1.55 22.29
N GLN A 461 -4.14 1.88 21.21
CA GLN A 461 -2.73 1.50 21.11
C GLN A 461 -1.87 2.30 22.10
N ASN A 462 -2.25 3.53 22.41
CA ASN A 462 -1.45 4.39 23.25
C ASN A 462 -1.85 4.33 24.72
N LYS A 463 -2.74 3.42 25.10
CA LYS A 463 -3.22 3.31 26.47
C LYS A 463 -2.68 2.03 27.11
N GLY A 464 -2.20 2.13 28.35
CA GLY A 464 -1.80 0.97 29.11
C GLY A 464 -0.53 0.31 28.59
N GLU A 465 -0.27 -0.87 29.13
CA GLU A 465 0.97 -1.57 28.83
C GLU A 465 0.90 -2.28 27.48
N LEU A 466 2.08 -2.56 26.95
CA LEU A 466 2.20 -3.20 25.65
C LEU A 466 2.10 -4.71 25.82
N TYR A 467 1.61 -5.38 24.79
CA TYR A 467 1.46 -6.83 24.81
C TYR A 467 2.77 -7.54 24.55
N HIS A 468 3.08 -8.54 25.38
CA HIS A 468 4.14 -9.50 25.10
C HIS A 468 3.67 -10.89 25.56
N HIS A 469 3.69 -11.84 24.65
CA HIS A 469 3.47 -13.21 25.05
C HIS A 469 4.55 -13.63 26.04
N PRO A 470 4.19 -14.31 27.13
CA PRO A 470 5.24 -14.84 28.03
C PRO A 470 6.17 -15.77 27.27
N HIS A 471 7.44 -15.80 27.69
CA HIS A 471 8.43 -16.63 27.01
C HIS A 471 8.55 -16.22 25.54
N GLU A 472 8.42 -14.93 25.28
CA GLU A 472 8.48 -14.42 23.91
C GLU A 472 9.82 -14.75 23.27
N SER A 473 10.91 -14.66 24.03
CA SER A 473 12.24 -14.90 23.47
C SER A 473 12.42 -16.35 23.05
N GLU A 474 11.76 -17.29 23.73
CA GLU A 474 11.80 -18.69 23.29
C GLU A 474 10.99 -18.91 22.01
N LEU A 475 10.06 -18.02 21.68
CA LEU A 475 9.23 -18.21 20.50
C LEU A 475 9.82 -17.59 19.25
N VAL A 476 10.48 -16.43 19.37
CA VAL A 476 11.10 -15.78 18.23
C VAL A 476 12.49 -15.31 18.62
N GLU A 477 13.49 -15.70 17.84
CA GLU A 477 14.90 -15.40 18.09
C GLU A 477 15.21 -13.91 18.14
N SER A 478 15.09 -13.25 16.99
CA SER A 478 15.34 -11.82 16.87
C SER A 478 14.06 -11.19 16.36
N ILE A 479 13.58 -10.18 17.08
CA ILE A 479 12.40 -9.42 16.65
C ILE A 479 12.90 -8.22 15.87
N PRO A 480 12.49 -8.04 14.61
CA PRO A 480 12.96 -6.91 13.82
C PRO A 480 12.74 -5.59 14.56
N SER A 481 13.64 -4.64 14.28
CA SER A 481 13.65 -3.34 14.93
C SER A 481 12.42 -2.51 14.57
N ASP A 482 11.82 -2.72 13.40
CA ASP A 482 10.69 -1.90 13.03
C ASP A 482 9.38 -2.38 13.66
N ILE A 483 9.44 -3.33 14.58
CA ILE A 483 8.24 -3.87 15.21
C ILE A 483 8.02 -3.15 16.53
N PHE A 484 6.95 -2.38 16.60
CA PHE A 484 6.47 -1.87 17.87
C PHE A 484 5.27 -2.70 18.32
N PRO A 485 5.29 -3.23 19.54
CA PRO A 485 4.19 -4.13 19.96
C PRO A 485 2.83 -3.44 19.96
N ALA A 486 1.80 -4.24 19.70
CA ALA A 486 0.45 -3.79 19.94
C ALA A 486 0.23 -3.67 21.44
N SER A 487 -0.58 -2.70 21.83
CA SER A 487 -0.94 -2.59 23.24
C SER A 487 -1.77 -3.79 23.68
N GLU A 488 -1.69 -4.12 24.97
CA GLU A 488 -2.56 -5.15 25.53
C GLU A 488 -4.02 -4.86 25.23
N ALA A 489 -4.41 -3.57 25.30
CA ALA A 489 -5.81 -3.23 25.00
C ALA A 489 -6.14 -3.50 23.53
N VAL A 490 -5.20 -3.30 22.62
CA VAL A 490 -5.43 -3.59 21.21
C VAL A 490 -5.67 -5.09 21.00
N VAL A 491 -4.84 -5.93 21.63
CA VAL A 491 -4.96 -7.36 21.43
C VAL A 491 -6.30 -7.87 21.99
N GLN A 492 -6.73 -7.36 23.15
CA GLN A 492 -7.95 -7.88 23.73
C GLN A 492 -9.15 -7.53 22.86
N GLN A 493 -9.23 -6.30 22.35
CA GLN A 493 -10.34 -5.93 21.49
C GLN A 493 -10.27 -6.64 20.14
N ALA A 494 -9.06 -6.74 19.56
CA ALA A 494 -8.93 -7.50 18.32
C ALA A 494 -9.38 -8.94 18.50
N THR A 495 -9.03 -9.55 19.63
CA THR A 495 -9.38 -10.95 19.87
C THR A 495 -10.90 -11.15 19.87
N GLN A 496 -11.65 -10.20 20.45
CA GLN A 496 -13.11 -10.31 20.48
C GLN A 496 -13.72 -10.08 19.10
N PHE A 497 -13.23 -9.12 18.33
CA PHE A 497 -13.71 -8.95 16.98
C PHE A 497 -13.43 -10.18 16.12
N PHE A 498 -12.26 -10.82 16.32
CA PHE A 498 -11.94 -12.06 15.60
C PHE A 498 -12.97 -13.15 15.91
N LYS A 499 -13.35 -13.31 17.17
CA LYS A 499 -14.43 -14.27 17.51
C LYS A 499 -15.72 -13.89 16.79
N ASP A 500 -16.07 -12.60 16.76
CA ASP A 500 -17.25 -12.18 16.02
C ASP A 500 -17.12 -12.58 14.54
N ILE A 501 -16.03 -12.14 13.89
CA ILE A 501 -15.88 -12.26 12.44
C ILE A 501 -15.81 -13.72 12.01
N PHE A 502 -14.95 -14.50 12.65
CA PHE A 502 -14.75 -15.89 12.26
C PHE A 502 -15.76 -16.82 12.92
N ASN A 503 -16.71 -16.26 13.67
CA ASN A 503 -17.81 -17.00 14.29
C ASN A 503 -17.29 -18.24 15.03
N THR A 504 -16.46 -17.97 16.05
CA THR A 504 -15.78 -19.03 16.79
C THR A 504 -15.55 -18.56 18.23
N HIS A 505 -15.67 -19.49 19.18
CA HIS A 505 -15.30 -19.18 20.57
C HIS A 505 -13.79 -19.13 20.77
N TYR A 506 -13.03 -19.67 19.81
CA TYR A 506 -11.63 -20.05 20.02
C TYR A 506 -10.75 -19.07 19.24
N VAL A 507 -10.15 -18.13 19.97
CA VAL A 507 -9.13 -17.26 19.38
C VAL A 507 -8.01 -17.14 20.40
N PRO A 508 -6.88 -17.84 20.21
CA PRO A 508 -5.83 -17.86 21.25
C PRO A 508 -5.05 -16.56 21.29
N GLN A 509 -4.13 -16.48 22.23
CA GLN A 509 -3.28 -15.29 22.33
C GLN A 509 -2.18 -15.33 21.28
N PRO A 510 -1.80 -14.17 20.72
CA PRO A 510 -0.77 -14.16 19.68
C PRO A 510 0.61 -14.39 20.28
N THR A 511 1.50 -14.98 19.47
CA THR A 511 2.89 -15.12 19.90
C THR A 511 3.65 -13.80 19.77
N LEU A 512 3.24 -12.94 18.84
CA LEU A 512 3.94 -11.70 18.54
C LEU A 512 2.94 -10.76 17.87
N THR A 513 3.13 -9.46 18.08
CA THR A 513 2.23 -8.46 17.52
C THR A 513 3.04 -7.27 17.04
N SER A 514 2.46 -6.52 16.10
CA SER A 514 2.97 -5.23 15.68
C SER A 514 1.80 -4.30 15.41
N ALA A 515 2.00 -3.02 15.66
CA ALA A 515 1.00 -2.00 15.37
C ALA A 515 1.68 -0.87 14.61
N ARG A 516 1.05 -0.43 13.52
CA ARG A 516 1.62 0.66 12.72
C ARG A 516 0.49 1.56 12.28
N ILE A 517 0.52 2.80 12.74
CA ILE A 517 -0.56 3.73 12.44
C ILE A 517 0.01 4.81 11.53
N TRP A 518 -0.34 4.70 10.24
CA TRP A 518 0.17 5.60 9.21
C TRP A 518 -0.68 6.87 9.23
N GLU A 519 -0.41 7.69 10.24
CA GLU A 519 -1.13 8.92 10.50
C GLU A 519 -0.10 9.98 10.85
N GLY A 520 0.01 11.02 10.02
CA GLY A 520 1.08 11.99 10.19
C GLY A 520 1.03 12.67 11.55
N ASN A 521 2.21 13.01 12.06
CA ASN A 521 2.38 13.57 13.40
C ASN A 521 2.94 14.99 13.31
N VAL A 522 2.41 15.87 14.16
CA VAL A 522 2.93 17.23 14.34
C VAL A 522 3.36 17.49 15.78
N ASN A 523 3.58 16.44 16.57
CA ASN A 523 3.89 16.56 17.99
C ASN A 523 5.35 16.20 18.24
N PHE A 524 6.11 17.17 18.79
CA PHE A 524 7.53 16.95 19.07
C PHE A 524 7.78 15.91 20.15
N ASN A 525 6.74 15.43 20.84
CA ASN A 525 6.90 14.48 21.94
C ASN A 525 7.07 13.04 21.47
N VAL A 526 6.95 12.77 20.17
CA VAL A 526 6.93 11.41 19.64
C VAL A 526 8.33 11.01 19.21
N PRO A 527 8.84 9.87 19.69
CA PRO A 527 10.16 9.39 19.22
C PRO A 527 10.17 9.26 17.70
N GLU A 528 11.39 9.31 17.15
CA GLU A 528 11.54 9.17 15.70
C GLU A 528 11.15 7.78 15.22
N ASN A 529 11.32 6.75 16.05
CA ASN A 529 10.90 5.40 15.71
C ASN A 529 9.38 5.23 15.73
N LEU A 530 8.64 6.25 16.14
CA LEU A 530 7.18 6.19 16.11
C LEU A 530 6.56 7.30 15.27
N GLN A 531 7.35 8.03 14.49
CA GLN A 531 6.80 9.07 13.61
C GLN A 531 6.56 8.47 12.23
N PHE A 532 5.32 8.53 11.75
CA PHE A 532 4.98 7.94 10.46
C PHE A 532 4.06 8.88 9.71
N GLY A 533 4.20 8.90 8.40
CA GLY A 533 3.36 9.76 7.59
C GLY A 533 1.99 9.15 7.39
N PHE A 534 1.14 9.90 6.69
CA PHE A 534 -0.17 9.38 6.33
C PHE A 534 -0.02 8.19 5.38
N GLY A 535 -0.92 7.22 5.52
CA GLY A 535 -0.85 6.01 4.71
C GLY A 535 -0.79 6.26 3.21
N VAL A 536 -1.76 6.97 2.66
CA VAL A 536 -1.80 7.31 1.24
C VAL A 536 -2.37 8.72 1.13
N HIS A 537 -2.56 9.18 -0.10
CA HIS A 537 -3.21 10.46 -0.35
C HIS A 537 -4.15 10.29 -1.52
N GLN A 538 -5.11 11.21 -1.64
CA GLN A 538 -6.02 11.19 -2.77
C GLN A 538 -6.48 12.60 -3.05
N TRP A 539 -6.57 12.95 -4.33
CA TRP A 539 -6.92 14.30 -4.74
C TRP A 539 -8.19 14.76 -4.05
N ALA A 540 -8.19 16.03 -3.61
CA ALA A 540 -9.33 16.62 -2.90
C ALA A 540 -10.36 17.16 -3.88
N ILE A 541 -11.54 17.50 -3.33
CA ILE A 541 -12.58 18.16 -4.12
C ILE A 541 -12.02 19.43 -4.74
N GLY A 542 -12.30 19.65 -6.02
CA GLY A 542 -11.87 20.86 -6.68
C GLY A 542 -10.43 20.85 -7.17
N ALA A 543 -9.65 19.81 -6.87
CA ALA A 543 -8.25 19.77 -7.28
C ALA A 543 -8.13 19.43 -8.76
N ASN A 544 -7.62 20.36 -9.55
CA ASN A 544 -7.24 20.05 -10.92
C ASN A 544 -5.84 19.44 -10.87
N ASP A 545 -5.77 18.11 -10.76
CA ASP A 545 -4.46 17.52 -10.51
C ASP A 545 -3.53 17.60 -11.73
N LYS A 546 -4.07 17.78 -12.94
CA LYS A 546 -3.18 18.00 -14.08
C LYS A 546 -2.34 19.26 -13.87
N GLU A 547 -2.97 20.35 -13.42
CA GLU A 547 -2.21 21.55 -13.09
C GLU A 547 -1.32 21.33 -11.87
N VAL A 548 -1.86 20.71 -10.82
CA VAL A 548 -1.07 20.55 -9.59
C VAL A 548 0.20 19.77 -9.88
N ILE A 549 0.07 18.65 -10.60
CA ILE A 549 1.20 17.76 -10.79
C ILE A 549 2.35 18.49 -11.50
N GLU A 550 2.05 19.15 -12.61
CA GLU A 550 3.12 19.83 -13.33
C GLU A 550 3.67 20.97 -12.48
N ASP A 551 2.84 21.63 -11.66
CA ASP A 551 3.34 22.71 -10.80
C ASP A 551 4.32 22.21 -9.75
N LEU A 552 4.23 20.94 -9.37
CA LEU A 552 5.04 20.44 -8.27
C LEU A 552 6.30 19.71 -8.72
N VAL A 553 6.49 19.51 -10.02
CA VAL A 553 7.71 18.88 -10.49
C VAL A 553 8.94 19.67 -10.03
N GLU A 554 8.96 20.97 -10.31
CA GLU A 554 10.11 21.82 -10.00
C GLU A 554 9.58 23.17 -9.54
N PRO A 555 9.14 23.27 -8.28
CA PRO A 555 8.48 24.52 -7.83
C PRO A 555 9.43 25.69 -7.69
N LEU A 556 10.71 25.43 -7.43
CA LEU A 556 11.76 26.43 -7.51
C LEU A 556 12.86 25.93 -8.44
N PRO A 557 13.62 26.84 -9.09
CA PRO A 557 14.72 26.39 -9.94
C PRO A 557 15.60 25.37 -9.24
N ASN A 558 15.74 24.19 -9.83
CA ASN A 558 16.63 23.13 -9.36
C ASN A 558 16.22 22.50 -8.05
N LEU A 559 15.03 22.83 -7.54
CA LEU A 559 14.43 22.11 -6.41
C LEU A 559 13.19 21.37 -6.93
N PHE A 560 13.17 20.05 -6.72
CA PHE A 560 12.14 19.21 -7.29
C PHE A 560 11.35 18.51 -6.19
N THR A 561 10.16 18.06 -6.56
CA THR A 561 9.22 17.38 -5.68
C THR A 561 8.71 16.14 -6.39
N CYS A 562 8.56 15.05 -5.65
CA CYS A 562 8.10 13.81 -6.28
C CYS A 562 7.68 12.81 -5.21
N GLY A 563 6.83 11.88 -5.62
CA GLY A 563 6.31 10.84 -4.74
C GLY A 563 4.85 10.46 -4.94
N GLU A 564 4.37 9.54 -4.10
CA GLU A 564 2.98 9.09 -4.24
C GLU A 564 1.98 10.23 -4.03
N ALA A 565 2.22 11.07 -3.03
CA ALA A 565 1.15 11.93 -2.50
C ALA A 565 0.50 12.80 -3.57
N TYR A 566 1.29 13.35 -4.50
CA TYR A 566 0.75 14.26 -5.52
C TYR A 566 0.88 13.61 -6.90
N SER A 567 0.66 12.29 -6.94
CA SER A 567 0.89 11.52 -8.14
C SER A 567 -0.40 11.25 -8.92
N ASP A 568 -0.19 10.59 -10.05
CA ASP A 568 -1.16 10.06 -11.01
C ASP A 568 -1.83 8.78 -10.55
N TYR A 569 -1.22 8.07 -9.60
CA TYR A 569 -1.62 6.72 -9.27
C TYR A 569 -1.50 6.62 -7.75
N GLN A 570 -2.30 7.43 -7.07
CA GLN A 570 -2.21 7.53 -5.64
C GLN A 570 -2.59 6.20 -4.99
N GLY A 571 -1.99 5.94 -3.83
CA GLY A 571 -2.18 4.68 -3.12
C GLY A 571 -1.22 3.57 -3.49
N TRP A 572 -0.34 3.77 -4.48
CA TRP A 572 0.47 2.68 -5.04
C TRP A 572 1.90 3.15 -5.32
N VAL A 573 2.84 2.20 -5.23
CA VAL A 573 4.22 2.47 -5.63
C VAL A 573 4.27 3.09 -7.01
N GLU A 574 3.48 2.55 -7.95
CA GLU A 574 3.55 3.05 -9.31
C GLU A 574 3.35 4.56 -9.38
N GLY A 575 2.54 5.12 -8.49
CA GLY A 575 2.37 6.57 -8.47
C GLY A 575 3.65 7.28 -8.08
N ALA A 576 4.33 6.77 -7.05
CA ALA A 576 5.63 7.32 -6.68
C ALA A 576 6.60 7.28 -7.86
N LEU A 577 6.68 6.13 -8.55
CA LEU A 577 7.61 6.01 -9.67
C LEU A 577 7.27 7.00 -10.77
N ARG A 578 5.97 7.15 -11.11
CA ARG A 578 5.59 8.04 -12.20
C ARG A 578 5.82 9.50 -11.84
N SER A 579 5.50 9.88 -10.60
CA SER A 579 5.77 11.25 -10.17
C SER A 579 7.28 11.53 -10.22
N THR A 580 8.10 10.57 -9.81
CA THR A 580 9.55 10.75 -9.82
C THR A 580 10.08 10.85 -11.25
N ASP A 581 9.60 9.98 -12.15
CA ASP A 581 10.00 10.06 -13.54
C ASP A 581 9.83 11.47 -14.09
N LEU A 582 8.80 12.20 -13.64
CA LEU A 582 8.60 13.56 -14.16
C LEU A 582 9.75 14.46 -13.75
N VAL A 583 10.25 14.27 -12.53
CA VAL A 583 11.42 15.00 -12.08
C VAL A 583 12.64 14.59 -12.89
N LEU A 584 12.78 13.28 -13.15
CA LEU A 584 13.94 12.81 -13.89
C LEU A 584 13.94 13.32 -15.31
N GLN A 585 12.76 13.46 -15.92
CA GLN A 585 12.63 14.04 -17.25
C GLN A 585 12.98 15.53 -17.24
N LYS A 586 12.31 16.32 -16.39
CA LYS A 586 12.44 17.77 -16.49
C LYS A 586 13.81 18.26 -16.05
N GLY A 587 14.35 17.66 -14.98
CA GLY A 587 15.59 18.11 -14.41
C GLY A 587 16.82 17.38 -14.90
N PHE A 588 16.64 16.22 -15.56
CA PHE A 588 17.79 15.40 -15.91
C PHE A 588 17.71 14.73 -17.29
N GLY A 589 16.66 14.98 -18.07
CA GLY A 589 16.59 14.47 -19.43
C GLY A 589 16.19 13.00 -19.60
N LEU A 590 15.91 12.27 -18.52
CA LEU A 590 15.57 10.85 -18.65
C LEU A 590 14.11 10.67 -19.05
N ALA A 591 13.86 9.87 -20.09
CA ALA A 591 12.51 9.48 -20.45
C ALA A 591 11.93 8.50 -19.40
N PRO A 592 10.62 8.26 -19.44
CA PRO A 592 10.01 7.34 -18.46
C PRO A 592 10.61 5.95 -18.53
N LEU A 593 10.82 5.35 -17.36
CA LEU A 593 11.50 4.05 -17.31
C LEU A 593 10.82 3.04 -18.24
N SER A 594 9.49 3.01 -18.25
CA SER A 594 8.78 2.03 -19.05
C SER A 594 9.04 2.20 -20.55
N GLU A 595 9.19 3.45 -21.02
CA GLU A 595 9.53 3.67 -22.42
C GLU A 595 10.99 3.31 -22.68
N VAL A 596 11.88 3.63 -21.74
CA VAL A 596 13.27 3.22 -21.84
C VAL A 596 13.37 1.70 -21.87
N TYR A 597 12.58 1.03 -21.02
CA TYR A 597 12.61 -0.43 -21.02
C TYR A 597 12.20 -0.98 -22.37
N GLU A 598 11.15 -0.41 -22.95
CA GLU A 598 10.63 -0.91 -24.21
C GLU A 598 11.59 -0.61 -25.36
N GLN A 599 12.32 0.50 -25.30
CA GLN A 599 13.34 0.77 -26.31
C GLN A 599 14.47 -0.25 -26.24
N ASP A 600 14.93 -0.56 -25.03
CA ASP A 600 16.08 -1.45 -24.87
C ASP A 600 15.70 -2.91 -25.13
N GLN A 601 14.43 -3.28 -24.97
CA GLN A 601 14.06 -4.68 -24.93
C GLN A 601 13.20 -5.12 -26.11
N GLY A 602 12.65 -4.19 -26.89
CA GLY A 602 11.78 -4.54 -27.98
C GLY A 602 10.38 -4.93 -27.59
N ARG A 603 10.02 -4.84 -26.31
CA ARG A 603 8.68 -5.17 -25.85
C ARG A 603 8.45 -4.49 -24.52
N SER A 604 7.17 -4.40 -24.12
CA SER A 604 6.79 -3.67 -22.93
C SER A 604 7.17 -4.43 -21.65
N SER A 605 7.34 -3.68 -20.56
CA SER A 605 7.55 -4.28 -19.26
C SER A 605 6.43 -5.24 -18.92
N SER A 606 5.21 -4.88 -19.30
CA SER A 606 4.05 -5.70 -18.96
C SER A 606 4.11 -7.06 -19.63
N GLU A 607 4.39 -7.07 -20.95
CA GLU A 607 4.49 -8.34 -21.65
C GLU A 607 5.65 -9.16 -21.10
N ALA A 608 6.81 -8.52 -20.90
CA ALA A 608 7.97 -9.24 -20.39
C ALA A 608 7.66 -9.91 -19.06
N ILE A 609 7.06 -9.17 -18.11
CA ILE A 609 6.88 -9.74 -16.77
C ILE A 609 5.90 -10.90 -16.81
N GLN A 610 4.87 -10.80 -17.64
CA GLN A 610 3.91 -11.90 -17.71
C GLN A 610 4.54 -13.16 -18.28
N ILE A 611 5.37 -13.01 -19.31
CA ILE A 611 6.03 -14.17 -19.89
C ILE A 611 6.99 -14.79 -18.89
N ALA A 612 7.77 -13.95 -18.20
CA ALA A 612 8.73 -14.50 -17.24
C ALA A 612 8.01 -15.20 -16.09
N TYR A 613 6.97 -14.57 -15.54
CA TYR A 613 6.24 -15.20 -14.45
C TYR A 613 5.55 -16.48 -14.91
N ARG A 614 4.88 -16.44 -16.08
CA ARG A 614 4.31 -17.66 -16.65
C ARG A 614 5.31 -18.81 -16.60
N LYS A 615 6.55 -18.55 -17.03
CA LYS A 615 7.57 -19.59 -17.03
C LYS A 615 7.88 -20.07 -15.62
N ILE A 616 8.11 -19.13 -14.70
CA ILE A 616 8.40 -19.49 -13.31
C ILE A 616 7.26 -20.29 -12.70
N SER A 617 6.01 -19.87 -12.94
CA SER A 617 4.90 -20.58 -12.33
C SER A 617 4.67 -21.93 -13.02
N ASN A 618 4.82 -21.99 -14.35
CA ASN A 618 4.78 -23.26 -15.06
C ASN A 618 5.65 -24.30 -14.37
N LYS A 619 6.92 -23.94 -14.11
CA LYS A 619 7.83 -24.95 -13.57
C LYS A 619 7.54 -25.19 -12.09
N MET A 620 7.08 -24.18 -11.37
CA MET A 620 6.65 -24.35 -9.99
C MET A 620 5.53 -25.36 -9.90
N ILE A 621 4.56 -25.27 -10.81
CA ILE A 621 3.44 -26.20 -10.81
C ILE A 621 3.92 -27.62 -11.12
N MET A 622 4.61 -27.79 -12.25
CA MET A 622 5.09 -29.11 -12.63
C MET A 622 5.86 -29.75 -11.49
N GLU A 623 6.68 -28.97 -10.79
CA GLU A 623 7.56 -29.51 -9.77
C GLU A 623 6.81 -29.87 -8.48
N TYR A 624 5.71 -29.18 -8.16
CA TYR A 624 5.04 -29.37 -6.89
C TYR A 624 3.62 -29.91 -7.00
N ILE A 625 2.88 -29.59 -8.06
CA ILE A 625 1.44 -29.81 -8.10
C ILE A 625 1.07 -30.94 -9.05
N ASP A 626 1.40 -30.82 -10.33
CA ASP A 626 0.93 -31.75 -11.36
C ASP A 626 2.07 -32.01 -12.33
N PRO A 627 2.79 -33.13 -12.18
CA PRO A 627 3.91 -33.44 -13.09
C PRO A 627 3.53 -33.37 -14.56
N ASN A 628 2.26 -33.54 -14.89
CA ASN A 628 1.81 -33.57 -16.28
C ASN A 628 1.00 -32.33 -16.67
N PHE A 629 1.29 -31.19 -16.06
CA PHE A 629 0.50 -30.00 -16.34
C PHE A 629 0.79 -29.47 -17.74
N SER A 630 -0.24 -28.91 -18.37
CA SER A 630 -0.10 -28.25 -19.67
C SER A 630 0.93 -27.13 -19.59
PA FAD B . 7.37 7.47 1.47
O1A FAD B . 7.37 5.99 1.37
O2A FAD B . 6.45 8.08 2.52
O5B FAD B . 8.87 8.02 1.66
C5B FAD B . 9.14 9.29 2.28
C4B FAD B . 10.35 9.13 3.17
O4B FAD B . 10.88 10.43 3.52
C3B FAD B . 10.10 8.39 4.49
O3B FAD B . 11.02 7.32 4.60
C2B FAD B . 10.28 9.47 5.56
O2B FAD B . 10.77 8.88 6.75
C1B FAD B . 11.27 10.41 4.88
N9A FAD B . 11.26 11.79 5.35
C8A FAD B . 10.17 12.57 5.60
N7A FAD B . 10.47 13.80 5.95
C5A FAD B . 11.86 13.81 5.93
C6A FAD B . 12.80 14.82 6.20
N6A FAD B . 12.48 16.06 6.58
N1A FAD B . 14.11 14.51 6.07
C2A FAD B . 14.44 13.28 5.69
N3A FAD B . 13.65 12.25 5.41
C4A FAD B . 12.36 12.58 5.54
N1 FAD B . 1.31 0.56 -2.83
C2 FAD B . 1.25 -0.49 -3.69
O2 FAD B . 1.68 -0.39 -4.85
N3 FAD B . 0.71 -1.70 -3.25
C4 FAD B . 0.22 -1.96 -1.98
O4 FAD B . -0.23 -3.07 -1.69
C4X FAD B . 0.28 -0.84 -1.08
N5 FAD B . -0.19 -1.00 0.12
C5X FAD B . -0.11 0.06 0.98
C6 FAD B . -0.57 -0.10 2.28
C7 FAD B . -0.50 0.93 3.21
C7M FAD B . -1.01 0.71 4.60
C8 FAD B . 0.03 2.17 2.81
C8M FAD B . 0.08 3.31 3.77
C9 FAD B . 0.50 2.34 1.51
C9A FAD B . 0.44 1.30 0.60
N10 FAD B . 0.91 1.44 -0.72
C10 FAD B . 0.85 0.38 -1.59
C1' FAD B . 1.50 2.71 -1.19
C2' FAD B . 3.05 2.70 -1.20
O2' FAD B . 3.63 2.14 -0.02
C3' FAD B . 3.56 4.14 -1.29
O3' FAD B . 2.89 4.78 -2.37
C4' FAD B . 5.07 4.40 -1.47
O4' FAD B . 5.83 3.40 -0.79
C5' FAD B . 5.44 5.77 -0.92
O5' FAD B . 6.69 6.21 -1.48
P FAD B . 7.12 7.73 -1.43
O1P FAD B . 8.61 7.75 -1.79
O2P FAD B . 6.21 8.58 -2.27
O3P FAD B . 6.95 8.13 0.09
H51A FAD B . 8.40 9.56 2.79
H52A FAD B . 9.32 9.93 1.62
H4B FAD B . 11.03 8.69 2.71
H3B FAD B . 9.20 8.09 4.53
HO3A FAD B . 11.09 6.94 3.86
H2B FAD B . 9.51 9.97 5.74
HO2A FAD B . 11.16 8.16 6.57
H1B FAD B . 12.14 10.05 4.99
H8A FAD B . 9.30 12.26 5.53
H61A FAD B . 12.60 16.32 7.40
H62A FAD B . 12.13 16.61 6.00
H2A FAD B . 15.36 13.11 5.61
HN3 FAD B . 0.69 -2.35 -3.84
H6 FAD B . -0.89 -0.97 2.40
HM71 FAD B . -1.87 1.07 4.68
HM72 FAD B . -0.44 1.11 5.22
HM73 FAD B . -1.05 -0.22 4.78
HM81 FAD B . 0.64 3.99 3.43
HM82 FAD B . 0.42 3.02 4.60
HM83 FAD B . -0.79 3.67 3.90
H9 FAD B . 0.49 3.26 1.40
H1'1 FAD B . 1.22 3.40 -0.62
H1'2 FAD B . 1.20 2.88 -2.07
H2' FAD B . 3.30 2.17 -1.94
HO2' FAD B . 3.32 2.54 0.65
H3' FAD B . 3.36 4.50 -0.46
HO3' FAD B . 3.33 4.71 -3.07
H4' FAD B . 5.29 4.35 -2.38
HO4' FAD B . 5.67 3.43 0.02
H5'1 FAD B . 5.51 5.72 0.02
H5'2 FAD B . 4.76 6.39 -1.15
N PHE C . -2.19 -0.18 -2.79
CA PHE C . -3.15 0.11 -1.76
C PHE C . -3.60 -1.18 -1.05
O PHE C . -3.32 -2.28 -1.53
CB PHE C . -4.33 0.85 -2.37
CG PHE C . -4.91 1.92 -1.52
CD1 PHE C . -5.51 1.62 -0.33
CD2 PHE C . -4.88 3.23 -1.93
CE1 PHE C . -6.08 2.60 0.44
CE2 PHE C . -5.43 4.21 -1.17
CZ PHE C . -6.04 3.89 0.02
OXT PHE C . -4.22 -1.18 0.01
H1 PHE C . -2.50 -0.69 -3.42
H2 PHE C . -1.97 -1.11 -2.76
H3 PHE C . -1.40 0.36 -2.69
HA PHE C . -2.77 0.69 -1.07
HB2 PHE C . -5.03 0.20 -2.55
HB3 PHE C . -4.03 1.26 -3.20
HD1 PHE C . -5.55 0.73 -0.05
HD2 PHE C . -4.48 3.46 -2.75
HE1 PHE C . -6.48 2.40 1.25
HE2 PHE C . -5.40 5.09 -1.46
HZ PHE C . -6.42 4.56 0.54
#